data_6H0N
#
_entry.id   6H0N
#
_cell.length_a   146.028
_cell.length_b   146.028
_cell.length_c   132.845
_cell.angle_alpha   90.00
_cell.angle_beta   90.00
_cell.angle_gamma   120.00
#
_symmetry.space_group_name_H-M   'P 32 2 1'
#
loop_
_entity.id
_entity.type
_entity.pdbx_description
1 polymer 'UDP-D-apiose/UDP-D-xylose synthase 1'
2 non-polymer NICOTINAMIDE-ADENINE-DINUCLEOTIDE
3 non-polymer "URIDINE-5'-DIPHOSPHATE"
4 non-polymer 'PHOSPHATE ION'
5 water water
#
_entity_poly.entity_id   1
_entity_poly.type   'polypeptide(L)'
_entity_poly.pdbx_seq_one_letter_code
;MANGANRVDLDGKPIQPLTICMIGAGGFIGSHLCEKLLTETPHKVLALDVYNDKIKHLLEPDTVEWSGRIQFHRINIKHD
SRLEGLVKMADLIINLAAICTPADYNTRPLDTIYSNFIDALPVVKYCSENNKRLIHFSTCEVYGKTIGSFLPKDHPLRDD
PAFYVLKEDISPCIFGSIEKQRWSYACAKQLIERLVYAEGAENGLEFTIVRPFNWIGPRMDFIPGIDGPSEGVPRVLACF
SNNLLRREPLKLVDGGESQRTFVYINDAIEAVLLMIENPERANGHIFNVGNPNNEVTVRQLAEMMTEVYAKVSGEGAIES
PTVDVSSKEFYGEGYDDSDKRIPDMTIINRQLGWNPKTSLWDLLESTLTYQHRTYAEAVKKATSKPVAS
;
_entity_poly.pdbx_strand_id   A,B
#
loop_
_chem_comp.id
_chem_comp.type
_chem_comp.name
_chem_comp.formula
NAD non-polymer NICOTINAMIDE-ADENINE-DINUCLEOTIDE 'C21 H27 N7 O14 P2'
PO4 non-polymer 'PHOSPHATE ION' 'O4 P -3'
UDP RNA linking URIDINE-5'-DIPHOSPHATE 'C9 H14 N2 O12 P2'
#
# COMPACT_ATOMS: atom_id res chain seq x y z
N VAL A 8 -3.16 1.77 -39.02
CA VAL A 8 -1.83 2.40 -38.68
C VAL A 8 -1.71 3.22 -37.34
N ASP A 9 -0.64 2.99 -36.58
CA ASP A 9 -0.48 3.57 -35.21
C ASP A 9 0.06 5.02 -35.19
N LEU A 10 0.24 5.53 -33.96
CA LEU A 10 0.71 6.89 -33.63
C LEU A 10 2.16 7.04 -34.08
N ASP A 11 2.92 5.96 -33.93
CA ASP A 11 4.35 5.94 -34.32
C ASP A 11 4.42 6.21 -35.83
N GLY A 12 3.52 5.58 -36.60
CA GLY A 12 3.45 5.76 -38.05
C GLY A 12 3.44 4.38 -38.67
N LYS A 13 3.76 3.40 -37.83
CA LYS A 13 3.84 2.00 -38.31
C LYS A 13 2.45 1.38 -38.54
N PRO A 14 2.37 0.27 -39.30
CA PRO A 14 1.06 -0.33 -39.55
C PRO A 14 0.61 -1.16 -38.33
N ILE A 15 -0.69 -1.39 -38.15
CA ILE A 15 -1.19 -2.09 -36.93
C ILE A 15 -1.29 -3.61 -37.01
N GLN A 16 -0.31 -4.26 -36.39
CA GLN A 16 -0.33 -5.68 -35.97
C GLN A 16 -1.70 -6.05 -35.38
N PRO A 17 -2.38 -7.07 -35.92
CA PRO A 17 -3.62 -7.53 -35.23
C PRO A 17 -3.31 -8.53 -34.14
N LEU A 18 -4.09 -8.54 -33.06
CA LEU A 18 -3.76 -9.39 -31.92
C LEU A 18 -4.91 -10.01 -31.18
N THR A 19 -4.59 -11.15 -30.59
CA THR A 19 -5.46 -11.81 -29.66
C THR A 19 -5.23 -11.12 -28.32
N ILE A 20 -6.33 -10.76 -27.67
CA ILE A 20 -6.34 -10.04 -26.41
C ILE A 20 -7.09 -10.87 -25.39
N CYS A 21 -6.41 -11.21 -24.30
CA CYS A 21 -7.07 -11.82 -23.16
C CYS A 21 -7.57 -10.70 -22.25
N MET A 22 -8.89 -10.55 -22.17
CA MET A 22 -9.48 -9.53 -21.34
C MET A 22 -10.14 -10.17 -20.14
N ILE A 23 -9.66 -9.83 -18.95
CA ILE A 23 -10.11 -10.42 -17.70
C ILE A 23 -10.96 -9.37 -17.04
N GLY A 24 -12.16 -9.75 -16.60
CA GLY A 24 -13.17 -8.79 -16.11
C GLY A 24 -13.84 -8.05 -17.27
N ALA A 25 -14.04 -8.81 -18.34
CA ALA A 25 -14.43 -8.30 -19.64
C ALA A 25 -15.91 -8.05 -19.74
N GLY A 26 -16.68 -8.66 -18.85
CA GLY A 26 -18.12 -8.43 -18.78
C GLY A 26 -18.53 -7.38 -17.76
N GLY A 27 -17.53 -6.64 -17.27
CA GLY A 27 -17.75 -5.51 -16.38
C GLY A 27 -18.14 -4.27 -17.15
N PHE A 28 -18.35 -3.20 -16.40
CA PHE A 28 -18.62 -1.87 -16.91
C PHE A 28 -17.57 -1.49 -17.95
N ILE A 29 -16.32 -1.43 -17.55
CA ILE A 29 -15.27 -0.99 -18.44
C ILE A 29 -15.05 -2.05 -19.50
N GLY A 30 -15.02 -3.31 -19.07
CA GLY A 30 -14.81 -4.40 -20.04
C GLY A 30 -15.76 -4.36 -21.23
N SER A 31 -17.04 -4.14 -20.92
CA SER A 31 -18.09 -4.23 -21.88
C SER A 31 -17.91 -3.18 -22.96
N HIS A 32 -17.68 -1.95 -22.52
CA HIS A 32 -17.40 -0.86 -23.45
C HIS A 32 -16.09 -1.10 -24.21
N LEU A 33 -15.13 -1.74 -23.55
CA LEU A 33 -13.85 -1.99 -24.24
C LEU A 33 -14.12 -2.94 -25.40
N CYS A 34 -14.95 -3.96 -25.20
CA CYS A 34 -15.26 -4.92 -26.27
C CYS A 34 -15.98 -4.19 -27.42
N GLU A 35 -16.86 -3.25 -27.09
CA GLU A 35 -17.59 -2.50 -28.14
C GLU A 35 -16.58 -1.85 -29.10
N LYS A 36 -15.56 -1.19 -28.57
CA LYS A 36 -14.59 -0.49 -29.42
C LYS A 36 -13.64 -1.46 -30.10
N LEU A 37 -13.30 -2.58 -29.47
CA LEU A 37 -12.31 -3.38 -30.16
C LEU A 37 -12.97 -4.00 -31.36
N LEU A 38 -14.19 -4.49 -31.15
CA LEU A 38 -14.95 -5.15 -32.21
C LEU A 38 -15.28 -4.23 -33.34
N THR A 39 -15.81 -3.06 -33.01
CA THR A 39 -16.29 -2.18 -34.05
C THR A 39 -15.22 -1.35 -34.74
N GLU A 40 -14.10 -1.08 -34.10
CA GLU A 40 -13.12 -0.16 -34.66
C GLU A 40 -11.71 -0.74 -34.82
N THR A 41 -11.51 -2.04 -34.60
CA THR A 41 -10.17 -2.64 -34.76
C THR A 41 -10.16 -4.08 -35.22
N PRO A 42 -9.05 -4.51 -35.83
CA PRO A 42 -8.90 -5.92 -36.19
C PRO A 42 -8.76 -6.94 -35.08
N HIS A 43 -8.71 -6.55 -33.81
CA HIS A 43 -8.23 -7.48 -32.77
C HIS A 43 -9.22 -8.56 -32.35
N LYS A 44 -8.69 -9.68 -31.88
CA LYS A 44 -9.49 -10.78 -31.38
C LYS A 44 -9.52 -10.64 -29.86
N VAL A 45 -10.69 -10.85 -29.26
CA VAL A 45 -10.89 -10.71 -27.81
C VAL A 45 -11.24 -12.03 -27.18
N LEU A 46 -10.57 -12.38 -26.10
CA LEU A 46 -10.99 -13.49 -25.25
C LEU A 46 -11.57 -12.91 -23.98
N ALA A 47 -12.90 -12.98 -23.85
CA ALA A 47 -13.60 -12.36 -22.74
C ALA A 47 -13.74 -13.32 -21.55
N LEU A 48 -12.97 -13.07 -20.51
CA LEU A 48 -13.00 -13.84 -19.29
C LEU A 48 -13.69 -13.03 -18.23
N ASP A 49 -14.63 -13.68 -17.55
CA ASP A 49 -15.39 -13.07 -16.47
C ASP A 49 -16.20 -14.19 -15.86
N VAL A 50 -16.75 -13.97 -14.67
CA VAL A 50 -17.75 -14.90 -14.16
C VAL A 50 -19.11 -14.70 -14.83
N TYR A 51 -19.47 -13.44 -15.13
CA TYR A 51 -20.77 -13.13 -15.74
C TYR A 51 -20.55 -12.39 -17.03
N ASN A 52 -21.45 -12.59 -17.98
CA ASN A 52 -21.36 -11.97 -19.30
C ASN A 52 -22.55 -11.05 -19.62
N ASP A 53 -23.33 -10.72 -18.60
CA ASP A 53 -24.60 -9.99 -18.77
C ASP A 53 -24.41 -8.75 -19.63
N LYS A 54 -23.38 -7.98 -19.31
CA LYS A 54 -23.15 -6.68 -19.97
C LYS A 54 -22.56 -6.78 -21.38
N ILE A 55 -22.13 -7.97 -21.78
CA ILE A 55 -21.62 -8.19 -23.13
C ILE A 55 -22.48 -9.17 -23.93
N LYS A 56 -23.68 -9.47 -23.41
CA LYS A 56 -24.49 -10.55 -23.96
C LYS A 56 -24.98 -10.14 -25.36
N HIS A 57 -25.31 -8.86 -25.52
CA HIS A 57 -25.59 -8.22 -26.84
C HIS A 57 -24.52 -8.46 -27.94
N LEU A 58 -23.28 -8.82 -27.53
CA LEU A 58 -22.15 -9.06 -28.45
C LEU A 58 -21.80 -10.53 -28.66
N LEU A 59 -22.60 -11.45 -28.11
CA LEU A 59 -22.22 -12.89 -28.11
C LEU A 59 -23.15 -13.78 -28.94
N GLU A 60 -22.62 -14.96 -29.28
CA GLU A 60 -23.24 -16.05 -30.07
C GLU A 60 -24.73 -16.15 -29.78
N PRO A 61 -25.16 -16.34 -28.52
CA PRO A 61 -26.58 -16.41 -28.17
C PRO A 61 -27.35 -15.24 -28.80
N ASP A 62 -26.87 -14.00 -28.61
CA ASP A 62 -27.55 -12.81 -29.15
C ASP A 62 -27.28 -12.66 -30.66
N THR A 63 -26.02 -12.64 -31.08
CA THR A 63 -25.73 -12.46 -32.53
C THR A 63 -24.51 -13.28 -32.96
N VAL A 64 -24.42 -13.58 -34.26
CA VAL A 64 -23.27 -14.32 -34.86
C VAL A 64 -22.57 -13.33 -35.79
N GLU A 65 -22.73 -12.05 -35.47
CA GLU A 65 -22.22 -10.90 -36.25
C GLU A 65 -20.73 -10.67 -36.04
N TRP A 66 -20.23 -10.95 -34.84
CA TRP A 66 -18.82 -10.80 -34.50
C TRP A 66 -18.11 -12.15 -34.27
N SER A 67 -18.85 -13.25 -34.04
CA SER A 67 -18.22 -14.47 -33.51
C SER A 67 -17.08 -14.92 -34.44
N GLY A 68 -16.01 -15.37 -33.80
CA GLY A 68 -14.74 -15.52 -34.48
C GLY A 68 -13.76 -14.52 -33.94
N ARG A 69 -14.24 -13.32 -33.57
CA ARG A 69 -13.40 -12.27 -32.97
C ARG A 69 -13.71 -11.95 -31.51
N ILE A 70 -14.68 -12.64 -30.94
CA ILE A 70 -14.88 -12.58 -29.50
C ILE A 70 -15.32 -13.96 -29.02
N GLN A 71 -14.92 -14.32 -27.80
CA GLN A 71 -15.19 -15.64 -27.24
C GLN A 71 -15.28 -15.52 -25.73
N PHE A 72 -16.48 -15.65 -25.19
CA PHE A 72 -16.63 -15.68 -23.73
C PHE A 72 -16.01 -16.95 -23.17
N HIS A 73 -15.50 -16.88 -21.94
CA HIS A 73 -15.03 -18.05 -21.20
C HIS A 73 -15.41 -17.82 -19.75
N ARG A 74 -16.41 -18.52 -19.24
CA ARG A 74 -16.85 -18.33 -17.86
C ARG A 74 -15.71 -18.86 -17.00
N ILE A 75 -14.94 -17.95 -16.39
CA ILE A 75 -13.81 -18.30 -15.51
C ILE A 75 -13.83 -17.40 -14.27
N ASN A 76 -13.46 -17.98 -13.14
CA ASN A 76 -13.20 -17.25 -11.89
C ASN A 76 -11.71 -17.44 -11.58
N ILE A 77 -10.94 -16.37 -11.74
CA ILE A 77 -9.50 -16.43 -11.65
C ILE A 77 -8.93 -16.82 -10.28
N LYS A 78 -9.70 -16.80 -9.19
CA LYS A 78 -9.20 -17.30 -7.90
C LYS A 78 -8.57 -18.71 -8.04
N HIS A 79 -9.33 -19.67 -8.57
CA HIS A 79 -8.80 -21.03 -8.80
C HIS A 79 -9.32 -21.55 -10.16
N ASP A 80 -8.46 -21.51 -11.18
CA ASP A 80 -8.73 -22.14 -12.47
C ASP A 80 -7.46 -22.37 -13.32
N SER A 81 -7.06 -23.63 -13.47
CA SER A 81 -5.90 -24.03 -14.28
C SER A 81 -5.95 -23.58 -15.72
N ARG A 82 -7.16 -23.49 -16.27
CA ARG A 82 -7.40 -23.06 -17.66
C ARG A 82 -6.88 -21.64 -17.92
N LEU A 83 -6.71 -20.84 -16.86
CA LEU A 83 -6.24 -19.48 -17.02
C LEU A 83 -4.89 -19.39 -17.73
N GLU A 84 -3.88 -20.13 -17.27
CA GLU A 84 -2.54 -19.96 -17.84
C GLU A 84 -2.55 -20.24 -19.35
N GLY A 85 -3.37 -21.21 -19.78
CA GLY A 85 -3.49 -21.55 -21.20
C GLY A 85 -4.16 -20.46 -21.98
N LEU A 86 -5.26 -19.96 -21.42
CA LEU A 86 -5.93 -18.79 -21.96
C LEU A 86 -5.03 -17.58 -22.11
N VAL A 87 -4.13 -17.37 -21.16
CA VAL A 87 -3.13 -16.28 -21.28
C VAL A 87 -2.15 -16.63 -22.39
N LYS A 88 -1.64 -17.87 -22.36
CA LYS A 88 -0.67 -18.31 -23.36
C LYS A 88 -1.27 -18.23 -24.77
N MET A 89 -2.60 -18.32 -24.86
CA MET A 89 -3.35 -18.07 -26.10
C MET A 89 -3.21 -16.69 -26.73
N ALA A 90 -3.14 -15.64 -25.92
CA ALA A 90 -3.18 -14.27 -26.41
C ALA A 90 -1.82 -13.62 -26.50
N ASP A 91 -1.77 -12.43 -27.06
CA ASP A 91 -0.57 -11.59 -27.10
C ASP A 91 -0.56 -10.51 -26.04
N LEU A 92 -1.75 -10.15 -25.56
CA LEU A 92 -1.91 -9.00 -24.67
C LEU A 92 -2.97 -9.36 -23.66
N ILE A 93 -2.65 -9.18 -22.38
CA ILE A 93 -3.60 -9.44 -21.32
C ILE A 93 -4.01 -8.07 -20.81
N ILE A 94 -5.30 -7.92 -20.51
CA ILE A 94 -5.85 -6.71 -19.89
C ILE A 94 -6.62 -7.19 -18.66
N ASN A 95 -6.18 -6.75 -17.47
CA ASN A 95 -6.78 -7.18 -16.20
C ASN A 95 -7.63 -6.09 -15.63
N LEU A 96 -8.94 -6.25 -15.76
CA LEU A 96 -9.92 -5.36 -15.16
C LEU A 96 -10.52 -5.94 -13.89
N ALA A 97 -10.23 -7.23 -13.61
CA ALA A 97 -11.01 -7.98 -12.61
C ALA A 97 -10.65 -7.51 -11.23
N ALA A 98 -11.61 -6.92 -10.53
CA ALA A 98 -11.32 -6.19 -9.29
C ALA A 98 -12.59 -5.69 -8.63
N ILE A 99 -12.68 -5.86 -7.31
CA ILE A 99 -13.73 -5.24 -6.53
C ILE A 99 -13.40 -3.76 -6.46
N CYS A 100 -14.30 -2.91 -6.93
CA CYS A 100 -13.99 -1.48 -7.04
C CYS A 100 -15.09 -0.50 -6.65
N THR A 101 -16.05 -0.95 -5.84
CA THR A 101 -17.09 -0.09 -5.26
C THR A 101 -16.75 0.26 -3.81
N PRO A 102 -16.52 1.55 -3.51
CA PRO A 102 -16.10 1.97 -2.15
C PRO A 102 -16.91 1.41 -1.00
N ALA A 103 -18.20 1.25 -1.25
CA ALA A 103 -19.12 0.62 -0.32
C ALA A 103 -18.51 -0.50 0.52
N ASP A 104 -17.79 -1.42 -0.11
CA ASP A 104 -17.30 -2.59 0.62
C ASP A 104 -15.77 -2.69 0.69
N TYR A 105 -15.13 -1.54 0.75
CA TYR A 105 -13.72 -1.46 1.12
C TYR A 105 -13.60 -1.57 2.63
N ASN A 106 -14.49 -0.87 3.35
CA ASN A 106 -14.57 -0.94 4.81
C ASN A 106 -15.50 -2.03 5.33
N THR A 107 -16.28 -2.68 4.48
CA THR A 107 -17.20 -3.70 4.96
C THR A 107 -16.70 -5.11 4.64
N ARG A 108 -16.13 -5.32 3.45
CA ARG A 108 -15.45 -6.58 3.13
C ARG A 108 -13.94 -6.38 2.81
N PRO A 109 -13.18 -5.80 3.76
CA PRO A 109 -11.77 -5.49 3.52
C PRO A 109 -10.89 -6.67 3.09
N LEU A 110 -11.15 -7.86 3.60
CA LEU A 110 -10.34 -9.03 3.23
C LEU A 110 -10.56 -9.37 1.76
N ASP A 111 -11.83 -9.53 1.38
CA ASP A 111 -12.19 -9.82 -0.03
C ASP A 111 -11.67 -8.73 -0.98
N THR A 112 -11.65 -7.47 -0.51
CA THR A 112 -11.11 -6.36 -1.30
C THR A 112 -9.62 -6.52 -1.59
N ILE A 113 -8.87 -6.85 -0.54
CA ILE A 113 -7.43 -7.00 -0.65
C ILE A 113 -7.11 -8.22 -1.49
N TYR A 114 -7.78 -9.31 -1.20
CA TYR A 114 -7.60 -10.52 -1.98
C TYR A 114 -7.95 -10.28 -3.44
N SER A 115 -9.01 -9.53 -3.69
CA SER A 115 -9.43 -9.24 -5.06
C SER A 115 -8.39 -8.43 -5.78
N ASN A 116 -7.97 -7.32 -5.18
CA ASN A 116 -7.16 -6.31 -5.86
C ASN A 116 -5.66 -6.51 -5.80
N PHE A 117 -5.19 -7.32 -4.84
CA PHE A 117 -3.80 -7.72 -4.80
C PHE A 117 -3.56 -9.18 -5.09
N ILE A 118 -4.07 -10.06 -4.24
CA ILE A 118 -3.65 -11.47 -4.27
C ILE A 118 -4.05 -12.19 -5.56
N ASP A 119 -5.34 -12.05 -5.93
CA ASP A 119 -5.91 -12.71 -7.10
C ASP A 119 -5.26 -12.24 -8.39
N ALA A 120 -4.65 -11.06 -8.41
CA ALA A 120 -3.98 -10.57 -9.61
C ALA A 120 -2.59 -11.15 -9.82
N LEU A 121 -1.98 -11.68 -8.76
CA LEU A 121 -0.58 -12.12 -8.82
C LEU A 121 -0.31 -13.14 -9.90
N PRO A 122 -1.14 -14.21 -9.96
CA PRO A 122 -1.01 -15.21 -11.03
C PRO A 122 -0.96 -14.59 -12.43
N VAL A 123 -1.90 -13.67 -12.70
CA VAL A 123 -1.99 -12.98 -13.98
C VAL A 123 -0.62 -12.37 -14.37
N VAL A 124 0.00 -11.75 -13.37
CA VAL A 124 1.31 -11.12 -13.50
C VAL A 124 2.39 -12.18 -13.70
N LYS A 125 2.33 -13.25 -12.93
CA LYS A 125 3.20 -14.41 -13.08
C LYS A 125 3.21 -14.87 -14.55
N TYR A 126 2.03 -15.14 -15.09
CA TYR A 126 1.91 -15.72 -16.42
C TYR A 126 2.35 -14.78 -17.48
N CYS A 127 1.96 -13.51 -17.40
CA CYS A 127 2.46 -12.55 -18.38
C CYS A 127 3.99 -12.46 -18.44
N SER A 128 4.65 -12.56 -17.29
CA SER A 128 6.11 -12.44 -17.24
C SER A 128 6.81 -13.73 -17.73
N GLU A 129 6.28 -14.87 -17.29
CA GLU A 129 6.78 -16.20 -17.65
C GLU A 129 6.72 -16.42 -19.14
N ASN A 130 5.52 -16.19 -19.72
CA ASN A 130 5.24 -16.46 -21.13
C ASN A 130 5.48 -15.24 -22.05
N ASN A 131 6.15 -14.21 -21.56
CA ASN A 131 6.51 -13.03 -22.35
C ASN A 131 5.36 -12.40 -23.10
N LYS A 132 4.28 -12.19 -22.36
CA LYS A 132 3.14 -11.40 -22.80
C LYS A 132 3.21 -10.00 -22.22
N ARG A 133 2.47 -9.11 -22.86
CA ARG A 133 2.32 -7.73 -22.48
C ARG A 133 1.13 -7.63 -21.55
N LEU A 134 1.22 -6.81 -20.51
CA LEU A 134 0.14 -6.67 -19.52
C LEU A 134 -0.33 -5.21 -19.42
N ILE A 135 -1.64 -5.01 -19.46
CA ILE A 135 -2.25 -3.74 -19.11
C ILE A 135 -3.04 -4.00 -17.83
N HIS A 136 -2.58 -3.40 -16.73
CA HIS A 136 -3.25 -3.56 -15.45
C HIS A 136 -3.97 -2.29 -15.12
N PHE A 137 -5.21 -2.47 -14.65
CA PHE A 137 -6.02 -1.35 -14.24
C PHE A 137 -5.87 -1.16 -12.76
N SER A 138 -5.25 -0.04 -12.40
CA SER A 138 -5.20 0.42 -11.02
C SER A 138 -6.34 1.45 -10.81
N THR A 139 -6.05 2.60 -10.21
CA THR A 139 -7.05 3.59 -9.87
C THR A 139 -6.42 4.91 -9.45
N CYS A 140 -7.13 6.00 -9.66
CA CYS A 140 -6.82 7.30 -9.08
C CYS A 140 -6.80 7.30 -7.52
N GLU A 141 -7.44 6.28 -6.93
CA GLU A 141 -7.43 6.15 -5.49
C GLU A 141 -6.04 5.91 -4.95
N VAL A 142 -5.13 5.44 -5.81
CA VAL A 142 -3.74 5.25 -5.39
C VAL A 142 -3.08 6.51 -4.86
N TYR A 143 -3.36 7.66 -5.46
CA TYR A 143 -2.93 8.96 -4.90
C TYR A 143 -3.59 9.27 -3.55
N GLY A 144 -4.82 8.79 -3.39
CA GLY A 144 -5.61 8.98 -2.19
C GLY A 144 -5.95 10.45 -2.03
N LYS A 145 -5.38 11.04 -0.96
CA LYS A 145 -5.59 12.44 -0.59
C LYS A 145 -4.56 13.40 -1.14
N THR A 146 -4.99 14.64 -1.27
CA THR A 146 -4.12 15.69 -1.73
C THR A 146 -3.40 16.21 -0.54
N ILE A 147 -2.12 16.39 -0.71
CA ILE A 147 -1.28 17.20 0.14
C ILE A 147 -1.94 18.47 0.65
N GLY A 148 -2.61 19.18 -0.26
CA GLY A 148 -3.31 20.42 0.07
C GLY A 148 -4.36 20.26 1.12
N SER A 149 -4.95 19.08 1.21
CA SER A 149 -6.02 18.82 2.16
C SER A 149 -5.67 19.00 3.63
N PHE A 150 -4.37 19.01 3.94
CA PHE A 150 -3.89 19.10 5.32
C PHE A 150 -3.48 20.50 5.72
N LEU A 151 -3.48 21.44 4.77
CA LEU A 151 -3.24 22.83 5.09
C LEU A 151 -4.52 23.34 5.72
N PRO A 152 -4.44 24.36 6.60
CA PRO A 152 -5.60 25.05 7.21
C PRO A 152 -6.70 25.50 6.23
N LYS A 153 -7.94 25.63 6.72
CA LYS A 153 -9.09 25.99 5.87
C LYS A 153 -8.75 27.33 5.24
N ASP A 154 -9.01 27.46 3.95
CA ASP A 154 -8.76 28.71 3.24
C ASP A 154 -7.32 29.24 3.37
N HIS A 155 -6.33 28.37 3.60
CA HIS A 155 -4.92 28.78 3.51
C HIS A 155 -4.58 28.91 2.02
N PRO A 156 -3.97 30.02 1.60
CA PRO A 156 -3.70 30.29 0.17
C PRO A 156 -2.89 29.23 -0.60
N LEU A 157 -2.06 28.47 0.10
CA LEU A 157 -1.32 27.41 -0.56
C LEU A 157 -2.22 26.37 -1.20
N ARG A 158 -3.45 26.27 -0.72
CA ARG A 158 -4.46 25.39 -1.35
C ARG A 158 -4.68 25.72 -2.81
N ASP A 159 -4.67 27.00 -3.15
CA ASP A 159 -4.83 27.42 -4.53
C ASP A 159 -3.69 27.03 -5.47
N ASP A 160 -2.51 26.68 -4.95
CA ASP A 160 -1.35 26.37 -5.81
C ASP A 160 -1.48 24.94 -6.28
N PRO A 161 -1.55 24.72 -7.60
CA PRO A 161 -1.73 23.37 -8.16
C PRO A 161 -0.70 22.38 -7.66
N ALA A 162 0.45 22.91 -7.27
CA ALA A 162 1.46 22.16 -6.54
C ALA A 162 0.90 21.22 -5.50
N PHE A 163 -0.22 21.58 -4.88
CA PHE A 163 -0.77 20.84 -3.78
C PHE A 163 -1.98 20.00 -4.12
N TYR A 164 -2.53 20.09 -5.33
CA TYR A 164 -3.65 19.20 -5.69
C TYR A 164 -3.61 18.39 -7.00
N VAL A 165 -2.76 18.80 -7.93
CA VAL A 165 -2.68 18.12 -9.22
C VAL A 165 -1.92 16.85 -9.01
N LEU A 166 -2.37 15.77 -9.64
CA LEU A 166 -1.87 14.45 -9.31
C LEU A 166 -1.10 13.94 -10.48
N LYS A 167 0.23 14.19 -10.44
CA LYS A 167 1.12 13.75 -11.50
C LYS A 167 1.62 12.34 -11.16
N GLU A 168 1.67 11.48 -12.17
CA GLU A 168 1.84 10.03 -11.95
C GLU A 168 3.25 9.64 -11.56
N ASP A 169 4.24 10.28 -12.16
CA ASP A 169 5.64 10.02 -11.83
C ASP A 169 6.16 10.64 -10.51
N ILE A 170 5.46 11.62 -9.92
CA ILE A 170 5.96 12.28 -8.69
C ILE A 170 4.98 12.61 -7.58
N SER A 171 3.71 12.80 -7.83
CA SER A 171 2.82 13.00 -6.68
C SER A 171 2.84 11.80 -5.69
N PRO A 172 2.62 12.08 -4.40
CA PRO A 172 2.66 10.99 -3.44
C PRO A 172 1.32 10.29 -3.29
N CYS A 173 1.43 9.08 -2.74
CA CYS A 173 0.31 8.26 -2.32
C CYS A 173 0.06 8.57 -0.86
N ILE A 174 -1.06 9.23 -0.59
CA ILE A 174 -1.41 9.60 0.78
C ILE A 174 -2.68 8.91 1.19
N PHE A 175 -2.59 8.01 2.16
CA PHE A 175 -3.78 7.37 2.72
C PHE A 175 -3.94 7.71 4.19
N GLY A 176 -5.17 7.55 4.64
CA GLY A 176 -5.53 7.57 6.05
C GLY A 176 -4.81 6.56 6.93
N SER A 177 -5.06 6.64 8.22
CA SER A 177 -4.49 5.67 9.13
C SER A 177 -5.08 4.28 8.85
N ILE A 178 -4.55 3.27 9.53
CA ILE A 178 -4.93 1.88 9.26
C ILE A 178 -6.41 1.60 9.56
N GLU A 179 -6.87 2.18 10.66
CA GLU A 179 -8.25 2.03 11.10
C GLU A 179 -9.25 2.55 10.07
N LYS A 180 -8.80 3.46 9.19
CA LYS A 180 -9.59 3.84 8.02
C LYS A 180 -9.46 2.78 6.95
N GLN A 181 -10.31 1.78 7.13
CA GLN A 181 -10.37 0.60 6.30
C GLN A 181 -10.76 0.85 4.82
N ARG A 182 -11.32 2.02 4.46
CA ARG A 182 -11.56 2.30 3.03
C ARG A 182 -10.29 2.21 2.16
N TRP A 183 -9.15 2.48 2.79
CA TRP A 183 -7.92 2.49 2.05
C TRP A 183 -7.44 1.06 1.78
N SER A 184 -8.04 0.04 2.41
CA SER A 184 -7.84 -1.35 1.97
C SER A 184 -7.67 -1.45 0.46
N TYR A 185 -8.65 -0.90 -0.25
CA TYR A 185 -8.67 -0.92 -1.71
C TYR A 185 -7.46 -0.19 -2.28
N ALA A 186 -7.28 1.05 -1.86
CA ALA A 186 -6.16 1.81 -2.39
C ALA A 186 -4.79 1.18 -2.12
N CYS A 187 -4.60 0.66 -0.93
CA CYS A 187 -3.31 0.09 -0.52
C CYS A 187 -3.01 -1.15 -1.34
N ALA A 188 -4.03 -1.96 -1.56
CA ALA A 188 -3.89 -3.13 -2.41
C ALA A 188 -3.53 -2.75 -3.85
N LYS A 189 -4.19 -1.72 -4.36
CA LYS A 189 -3.91 -1.23 -5.70
C LYS A 189 -2.50 -0.66 -5.76
N GLN A 190 -2.11 0.07 -4.71
CA GLN A 190 -0.75 0.60 -4.64
C GLN A 190 0.25 -0.54 -4.74
N LEU A 191 0.07 -1.60 -3.94
CA LEU A 191 1.04 -2.69 -3.92
C LEU A 191 1.11 -3.45 -5.24
N ILE A 192 -0.04 -3.68 -5.86
CA ILE A 192 -0.03 -4.36 -7.15
C ILE A 192 0.74 -3.52 -8.20
N GLU A 193 0.62 -2.21 -8.09
CA GLU A 193 1.37 -1.34 -8.98
C GLU A 193 2.86 -1.46 -8.72
N ARG A 194 3.27 -1.51 -7.46
CA ARG A 194 4.70 -1.55 -7.12
C ARG A 194 5.30 -2.85 -7.54
N LEU A 195 4.46 -3.88 -7.53
CA LEU A 195 4.85 -5.21 -7.91
C LEU A 195 4.97 -5.33 -9.41
N VAL A 196 4.00 -4.80 -10.11
CA VAL A 196 4.02 -4.83 -11.56
C VAL A 196 5.25 -4.08 -12.06
N TYR A 197 5.47 -2.90 -11.47
CA TYR A 197 6.58 -2.05 -11.82
C TYR A 197 7.89 -2.73 -11.48
N ALA A 198 7.91 -3.41 -10.33
CA ALA A 198 9.06 -4.20 -9.90
C ALA A 198 9.34 -5.33 -10.86
N GLU A 199 8.31 -6.08 -11.22
CA GLU A 199 8.45 -7.15 -12.20
C GLU A 199 8.93 -6.60 -13.55
N GLY A 200 8.53 -5.39 -13.91
CA GLY A 200 9.08 -4.70 -15.07
C GLY A 200 10.55 -4.35 -14.90
N ALA A 201 10.97 -4.12 -13.66
CA ALA A 201 12.36 -3.85 -13.32
C ALA A 201 13.21 -5.10 -13.08
N GLU A 202 12.92 -5.91 -12.06
CA GLU A 202 13.72 -7.12 -11.78
C GLU A 202 13.81 -8.11 -13.01
N ASN A 203 12.69 -8.29 -13.71
CA ASN A 203 12.67 -8.98 -15.01
C ASN A 203 12.14 -7.98 -15.98
N GLY A 204 11.90 -8.37 -17.22
CA GLY A 204 11.66 -7.37 -18.27
C GLY A 204 10.22 -7.11 -18.66
N LEU A 205 9.25 -7.31 -17.76
CA LEU A 205 7.83 -7.28 -18.11
C LEU A 205 7.41 -6.02 -18.85
N GLU A 206 6.84 -6.20 -20.04
CA GLU A 206 6.24 -5.11 -20.82
C GLU A 206 4.88 -4.90 -20.19
N PHE A 207 4.67 -3.69 -19.66
CA PHE A 207 3.42 -3.37 -19.01
C PHE A 207 3.01 -1.93 -19.17
N THR A 208 1.73 -1.72 -18.90
CA THR A 208 1.16 -0.40 -18.80
C THR A 208 0.17 -0.41 -17.62
N ILE A 209 0.13 0.66 -16.84
CA ILE A 209 -0.85 0.75 -15.77
C ILE A 209 -1.75 1.94 -16.03
N VAL A 210 -3.06 1.69 -15.81
CA VAL A 210 -4.11 2.66 -16.04
C VAL A 210 -4.72 3.11 -14.71
N ARG A 211 -4.78 4.41 -14.49
CA ARG A 211 -5.43 4.98 -13.32
C ARG A 211 -6.67 5.76 -13.77
N PRO A 212 -7.83 5.10 -13.76
CA PRO A 212 -9.04 5.79 -14.12
C PRO A 212 -9.42 6.77 -13.03
N PHE A 213 -9.80 7.99 -13.45
CA PHE A 213 -10.42 8.97 -12.58
C PHE A 213 -11.89 8.97 -12.93
N ASN A 214 -12.69 8.23 -12.14
CA ASN A 214 -14.15 8.33 -12.18
C ASN A 214 -14.73 8.28 -13.60
N TRP A 215 -14.59 7.13 -14.26
CA TRP A 215 -15.17 6.93 -15.59
C TRP A 215 -16.68 6.76 -15.49
N ILE A 216 -17.42 7.52 -16.29
CA ILE A 216 -18.87 7.55 -16.21
C ILE A 216 -19.50 7.13 -17.54
N GLY A 217 -20.58 6.34 -17.47
CA GLY A 217 -21.31 5.96 -18.67
C GLY A 217 -22.42 4.93 -18.45
N PRO A 218 -23.13 4.54 -19.52
CA PRO A 218 -23.98 3.35 -19.59
C PRO A 218 -23.37 2.10 -18.96
N ARG A 219 -24.17 1.27 -18.34
CA ARG A 219 -23.70 -0.03 -17.81
C ARG A 219 -22.80 0.01 -16.53
N MET A 220 -22.57 1.18 -15.93
CA MET A 220 -21.79 1.29 -14.71
C MET A 220 -22.52 0.69 -13.53
N ASP A 221 -21.97 -0.37 -12.93
CA ASP A 221 -22.50 -0.94 -11.69
C ASP A 221 -23.93 -1.44 -11.92
N PHE A 222 -24.90 -1.02 -11.10
CA PHE A 222 -26.23 -1.61 -11.07
C PHE A 222 -27.17 -0.66 -10.34
N ILE A 223 -28.45 -0.68 -10.72
CA ILE A 223 -29.50 -0.06 -9.93
C ILE A 223 -29.97 -1.09 -8.89
N PRO A 224 -29.95 -0.73 -7.60
CA PRO A 224 -30.47 -1.62 -6.54
C PRO A 224 -31.94 -1.98 -6.69
N GLY A 225 -32.28 -3.24 -6.40
CA GLY A 225 -33.64 -3.72 -6.45
C GLY A 225 -34.19 -3.94 -7.86
N ILE A 226 -33.31 -3.87 -8.85
CA ILE A 226 -33.73 -4.09 -10.26
C ILE A 226 -32.78 -5.11 -10.88
N ASP A 227 -31.54 -4.70 -11.17
CA ASP A 227 -30.54 -5.62 -11.77
C ASP A 227 -29.38 -5.81 -10.79
N GLY A 228 -29.61 -5.50 -9.52
CA GLY A 228 -28.58 -5.65 -8.47
C GLY A 228 -29.22 -5.72 -7.12
N PRO A 229 -28.53 -6.24 -6.08
CA PRO A 229 -29.14 -6.37 -4.75
C PRO A 229 -29.79 -5.10 -4.20
N SER A 230 -30.95 -5.26 -3.58
CA SER A 230 -31.69 -4.20 -2.93
C SER A 230 -30.83 -3.55 -1.83
N GLU A 231 -30.11 -4.36 -1.05
CA GLU A 231 -29.27 -3.83 0.00
C GLU A 231 -27.91 -3.25 -0.51
N GLY A 232 -27.54 -3.53 -1.77
CA GLY A 232 -26.29 -3.02 -2.39
C GLY A 232 -26.09 -1.49 -2.49
N VAL A 233 -24.83 -1.08 -2.60
CA VAL A 233 -24.45 0.36 -2.61
C VAL A 233 -23.35 0.65 -3.63
N PRO A 234 -23.74 1.11 -4.81
CA PRO A 234 -22.73 1.34 -5.83
C PRO A 234 -22.04 2.72 -5.78
N ARG A 235 -21.44 3.07 -6.89
CA ARG A 235 -20.71 4.30 -7.04
C ARG A 235 -21.67 5.36 -7.47
N VAL A 236 -21.27 6.59 -7.22
CA VAL A 236 -22.17 7.73 -7.18
C VAL A 236 -23.08 7.88 -8.39
N LEU A 237 -22.59 7.54 -9.58
CA LEU A 237 -23.45 7.61 -10.74
C LEU A 237 -24.71 6.78 -10.52
N ALA A 238 -24.50 5.50 -10.25
CA ALA A 238 -25.60 4.57 -10.04
C ALA A 238 -26.48 4.96 -8.86
N CYS A 239 -25.88 5.46 -7.78
CA CYS A 239 -26.63 5.82 -6.57
C CYS A 239 -27.63 6.93 -6.86
N PHE A 240 -27.13 7.99 -7.48
CA PHE A 240 -27.99 9.09 -7.87
C PHE A 240 -28.94 8.69 -8.98
N SER A 241 -28.48 7.88 -9.93
CA SER A 241 -29.40 7.34 -10.95
C SER A 241 -30.62 6.71 -10.27
N ASN A 242 -30.39 5.85 -9.28
CA ASN A 242 -31.48 5.19 -8.55
C ASN A 242 -32.38 6.26 -7.89
N ASN A 243 -31.79 7.16 -7.13
CA ASN A 243 -32.51 8.27 -6.48
C ASN A 243 -33.46 9.04 -7.43
N LEU A 244 -33.01 9.27 -8.65
CA LEU A 244 -33.78 10.03 -9.64
C LEU A 244 -34.94 9.23 -10.19
N LEU A 245 -34.65 7.98 -10.54
CA LEU A 245 -35.65 7.06 -11.13
C LEU A 245 -36.80 6.84 -10.15
N ARG A 246 -36.51 6.78 -8.86
CA ARG A 246 -37.60 6.52 -7.90
C ARG A 246 -38.15 7.83 -7.33
N ARG A 247 -37.74 8.97 -7.88
CA ARG A 247 -38.18 10.31 -7.41
C ARG A 247 -37.91 10.44 -5.92
N GLU A 248 -36.73 10.02 -5.47
CA GLU A 248 -36.28 10.08 -4.07
C GLU A 248 -35.18 11.13 -4.05
N PRO A 249 -35.02 11.98 -3.02
CA PRO A 249 -33.89 12.92 -3.06
C PRO A 249 -32.52 12.19 -3.10
N LEU A 250 -31.50 12.91 -3.53
CA LEU A 250 -30.15 12.36 -3.67
C LEU A 250 -29.40 12.47 -2.35
N LYS A 251 -29.03 11.33 -1.79
CA LYS A 251 -28.30 11.28 -0.52
C LYS A 251 -26.85 11.82 -0.74
N LEU A 252 -26.49 12.95 -0.09
CA LEU A 252 -25.15 13.57 -0.19
C LEU A 252 -24.27 13.31 1.02
N VAL A 253 -23.22 12.50 0.87
CA VAL A 253 -22.45 11.99 2.02
C VAL A 253 -21.54 13.08 2.63
N ASP A 254 -21.78 13.35 3.92
CA ASP A 254 -21.21 14.51 4.63
C ASP A 254 -21.27 15.82 3.84
N GLY A 255 -22.43 16.07 3.23
CA GLY A 255 -22.70 17.31 2.53
C GLY A 255 -22.00 17.45 1.20
N GLY A 256 -21.58 16.32 0.64
CA GLY A 256 -21.01 16.28 -0.70
C GLY A 256 -20.04 17.37 -1.11
N GLU A 257 -19.15 17.77 -0.19
CA GLU A 257 -18.23 18.84 -0.51
C GLU A 257 -16.94 18.37 -1.18
N SER A 258 -16.64 17.06 -1.15
CA SER A 258 -15.48 16.54 -1.90
C SER A 258 -15.69 16.78 -3.39
N GLN A 259 -14.58 16.80 -4.12
CA GLN A 259 -14.57 17.06 -5.55
C GLN A 259 -14.09 15.87 -6.33
N ARG A 260 -14.46 15.83 -7.60
CA ARG A 260 -14.13 14.73 -8.48
C ARG A 260 -14.10 15.24 -9.89
N THR A 261 -13.48 14.45 -10.77
CA THR A 261 -13.48 14.73 -12.18
C THR A 261 -13.89 13.54 -12.99
N PHE A 262 -15.04 13.69 -13.61
CA PHE A 262 -15.64 12.65 -14.39
C PHE A 262 -15.24 12.72 -15.85
N VAL A 263 -14.94 11.58 -16.45
CA VAL A 263 -14.64 11.54 -17.87
C VAL A 263 -15.66 10.65 -18.52
N TYR A 264 -16.05 10.99 -19.75
CA TYR A 264 -17.01 10.13 -20.45
C TYR A 264 -16.37 8.78 -20.77
N ILE A 265 -17.11 7.69 -20.53
CA ILE A 265 -16.60 6.35 -20.80
C ILE A 265 -16.03 6.23 -22.22
N ASN A 266 -16.68 6.86 -23.19
CA ASN A 266 -16.23 6.73 -24.57
C ASN A 266 -14.90 7.42 -24.76
N ASP A 267 -14.73 8.58 -24.13
CA ASP A 267 -13.46 9.29 -24.17
C ASP A 267 -12.36 8.39 -23.62
N ALA A 268 -12.65 7.76 -22.48
CA ALA A 268 -11.64 6.94 -21.78
C ALA A 268 -11.22 5.75 -22.59
N ILE A 269 -12.15 5.13 -23.28
CA ILE A 269 -11.84 3.94 -24.04
C ILE A 269 -10.89 4.23 -25.20
N GLU A 270 -11.07 5.40 -25.80
CA GLU A 270 -10.15 5.86 -26.82
C GLU A 270 -8.72 5.80 -26.25
N ALA A 271 -8.53 6.35 -25.05
CA ALA A 271 -7.23 6.28 -24.36
C ALA A 271 -6.70 4.87 -24.30
N VAL A 272 -7.50 3.98 -23.73
CA VAL A 272 -7.07 2.60 -23.60
C VAL A 272 -6.64 2.02 -24.94
N LEU A 273 -7.40 2.33 -25.99
CA LEU A 273 -7.11 1.82 -27.32
C LEU A 273 -5.73 2.25 -27.79
N LEU A 274 -5.40 3.53 -27.58
CA LEU A 274 -4.10 4.06 -27.98
C LEU A 274 -2.97 3.30 -27.31
N MET A 275 -3.18 2.95 -26.04
CA MET A 275 -2.23 2.14 -25.27
C MET A 275 -2.10 0.77 -25.88
N ILE A 276 -3.22 0.19 -26.27
CA ILE A 276 -3.19 -1.11 -26.91
C ILE A 276 -2.35 -1.02 -28.17
N GLU A 277 -2.61 -0.03 -29.02
CA GLU A 277 -2.00 0.00 -30.36
C GLU A 277 -0.64 0.70 -30.45
N ASN A 278 -0.15 1.25 -29.34
CA ASN A 278 1.18 1.91 -29.33
C ASN A 278 1.97 1.40 -28.13
N PRO A 279 2.45 0.14 -28.15
CA PRO A 279 3.15 -0.43 -27.00
C PRO A 279 4.53 0.18 -26.70
N GLU A 280 5.11 0.88 -27.66
CA GLU A 280 6.44 1.51 -27.47
C GLU A 280 6.27 2.81 -26.68
N ARG A 281 5.07 3.37 -26.67
CA ARG A 281 4.84 4.63 -25.93
C ARG A 281 4.08 4.36 -24.64
N ALA A 282 3.57 3.14 -24.47
CA ALA A 282 2.79 2.81 -23.31
C ALA A 282 3.51 1.84 -22.40
N ASN A 283 4.37 0.99 -22.98
CA ASN A 283 5.15 0.08 -22.16
C ASN A 283 6.02 0.93 -21.29
N GLY A 284 6.16 0.53 -20.04
CA GLY A 284 6.87 1.33 -19.10
C GLY A 284 5.90 2.08 -18.26
N HIS A 285 5.03 2.90 -18.87
CA HIS A 285 4.34 4.01 -18.16
C HIS A 285 3.08 3.69 -17.32
N ILE A 286 2.77 4.66 -16.44
CA ILE A 286 1.55 4.72 -15.68
C ILE A 286 0.81 5.96 -16.20
N PHE A 287 -0.51 5.84 -16.36
CA PHE A 287 -1.34 6.84 -17.04
C PHE A 287 -2.62 7.23 -16.30
N ASN A 288 -2.75 8.52 -16.04
CA ASN A 288 -3.98 9.08 -15.55
C ASN A 288 -4.97 9.22 -16.71
N VAL A 289 -6.10 8.55 -16.60
CA VAL A 289 -7.15 8.79 -17.55
C VAL A 289 -8.30 9.42 -16.81
N GLY A 290 -8.41 10.74 -17.00
CA GLY A 290 -9.51 11.51 -16.42
C GLY A 290 -9.65 12.77 -17.20
N ASN A 291 -10.69 13.54 -16.88
CA ASN A 291 -10.96 14.76 -17.63
C ASN A 291 -10.94 15.89 -16.63
N PRO A 292 -9.84 16.64 -16.61
CA PRO A 292 -9.68 17.62 -15.55
C PRO A 292 -10.62 18.76 -15.68
N ASN A 293 -11.26 18.90 -16.82
CA ASN A 293 -12.13 20.05 -17.01
C ASN A 293 -13.54 19.86 -16.46
N ASN A 294 -13.96 18.61 -16.31
CA ASN A 294 -15.24 18.25 -15.72
C ASN A 294 -15.11 18.06 -14.20
N GLU A 295 -14.63 19.07 -13.48
CA GLU A 295 -14.61 18.99 -12.02
C GLU A 295 -15.90 19.50 -11.45
N VAL A 296 -16.40 18.82 -10.42
CA VAL A 296 -17.48 19.33 -9.58
C VAL A 296 -17.35 18.76 -8.18
N THR A 297 -17.98 19.44 -7.23
CA THR A 297 -18.28 18.83 -5.94
C THR A 297 -19.38 17.84 -6.13
N VAL A 298 -19.63 17.07 -5.09
CA VAL A 298 -20.65 16.10 -5.17
C VAL A 298 -22.02 16.81 -5.12
N ARG A 299 -22.20 17.82 -4.28
CA ARG A 299 -23.42 18.65 -4.31
C ARG A 299 -23.76 19.09 -5.74
N GLN A 300 -22.74 19.51 -6.46
CA GLN A 300 -22.91 20.00 -7.82
C GLN A 300 -23.28 18.92 -8.80
N LEU A 301 -22.57 17.80 -8.75
CA LEU A 301 -22.96 16.63 -9.50
C LEU A 301 -24.45 16.37 -9.30
N ALA A 302 -24.90 16.42 -8.05
CA ALA A 302 -26.29 16.15 -7.72
C ALA A 302 -27.24 17.16 -8.37
N GLU A 303 -26.95 18.44 -8.18
CA GLU A 303 -27.78 19.47 -8.81
C GLU A 303 -27.79 19.28 -10.32
N MET A 304 -26.61 19.19 -10.91
CA MET A 304 -26.51 19.07 -12.36
C MET A 304 -27.27 17.87 -12.89
N MET A 305 -27.27 16.78 -12.12
CA MET A 305 -27.93 15.57 -12.55
C MET A 305 -29.41 15.72 -12.46
N THR A 306 -29.92 16.38 -11.42
CA THR A 306 -31.37 16.58 -11.33
C THR A 306 -31.85 17.49 -12.48
N GLU A 307 -31.04 18.47 -12.88
CA GLU A 307 -31.39 19.38 -13.96
C GLU A 307 -31.49 18.61 -15.24
N VAL A 308 -30.40 17.97 -15.61
CA VAL A 308 -30.37 17.10 -16.80
C VAL A 308 -31.52 16.07 -16.76
N TYR A 309 -31.76 15.47 -15.60
CA TYR A 309 -32.76 14.41 -15.51
C TYR A 309 -34.11 14.99 -15.87
N ALA A 310 -34.46 16.08 -15.21
CA ALA A 310 -35.68 16.79 -15.55
C ALA A 310 -35.81 17.02 -17.06
N LYS A 311 -34.73 17.43 -17.72
CA LYS A 311 -34.72 17.60 -19.19
C LYS A 311 -35.05 16.25 -19.82
N VAL A 312 -34.23 15.25 -19.59
CA VAL A 312 -34.43 13.93 -20.20
C VAL A 312 -35.79 13.29 -19.88
N SER A 313 -36.28 13.44 -18.65
CA SER A 313 -37.46 12.69 -18.18
C SER A 313 -38.76 13.30 -18.63
N GLY A 314 -38.82 14.62 -18.67
CA GLY A 314 -40.09 15.31 -18.78
C GLY A 314 -40.34 15.91 -17.43
N GLU A 315 -40.53 15.07 -16.41
CA GLU A 315 -40.92 15.55 -15.06
C GLU A 315 -39.91 16.61 -14.51
N GLY A 316 -40.40 17.58 -13.73
CA GLY A 316 -39.54 18.63 -13.13
C GLY A 316 -39.03 18.14 -11.80
N ALA A 317 -38.18 18.91 -11.10
CA ALA A 317 -37.45 18.38 -9.91
C ALA A 317 -38.31 18.26 -8.65
N ILE A 318 -37.68 17.99 -7.50
CA ILE A 318 -38.35 17.76 -6.19
C ILE A 318 -38.31 19.05 -5.31
N GLU A 319 -39.14 19.14 -4.26
CA GLU A 319 -39.10 20.31 -3.35
C GLU A 319 -37.67 20.57 -2.83
N SER A 320 -37.11 19.65 -2.02
CA SER A 320 -35.65 19.59 -1.75
C SER A 320 -35.07 18.36 -2.49
N PRO A 321 -34.29 18.59 -3.57
CA PRO A 321 -33.85 17.46 -4.38
C PRO A 321 -32.65 16.69 -3.82
N THR A 322 -32.03 17.21 -2.76
CA THR A 322 -30.96 16.51 -2.11
C THR A 322 -31.11 16.61 -0.64
N VAL A 323 -30.31 15.79 0.04
CA VAL A 323 -30.24 15.79 1.47
C VAL A 323 -28.93 15.21 1.96
N ASP A 324 -28.42 15.79 3.04
CA ASP A 324 -27.16 15.35 3.65
C ASP A 324 -27.37 14.11 4.47
N VAL A 325 -26.34 13.29 4.57
CA VAL A 325 -26.37 12.12 5.44
C VAL A 325 -24.95 11.84 5.88
N SER A 326 -24.78 11.37 7.12
CA SER A 326 -23.44 11.11 7.66
C SER A 326 -22.89 9.84 7.01
N SER A 327 -21.57 9.77 6.88
CA SER A 327 -20.89 8.58 6.40
C SER A 327 -20.94 7.42 7.39
N LYS A 328 -21.06 7.70 8.71
CA LYS A 328 -21.44 6.64 9.65
C LYS A 328 -22.75 6.02 9.08
N GLU A 329 -23.81 6.83 8.91
CA GLU A 329 -25.14 6.35 8.38
C GLU A 329 -25.00 5.66 7.03
N PHE A 330 -24.26 6.28 6.12
CA PHE A 330 -24.18 5.80 4.72
C PHE A 330 -23.24 4.62 4.52
N TYR A 331 -21.94 4.84 4.74
CA TYR A 331 -20.86 3.92 4.29
C TYR A 331 -20.47 2.93 5.39
N GLY A 332 -20.72 3.31 6.64
CA GLY A 332 -20.30 2.54 7.80
C GLY A 332 -19.05 3.10 8.50
N GLU A 333 -18.33 2.18 9.14
CA GLU A 333 -17.45 2.47 10.26
C GLU A 333 -16.15 3.15 9.93
N GLY A 334 -15.34 2.52 9.07
CA GLY A 334 -13.99 3.05 8.78
C GLY A 334 -13.87 3.83 7.48
N TYR A 335 -14.90 4.59 7.12
CA TYR A 335 -14.89 5.36 5.87
C TYR A 335 -13.91 6.52 6.03
N ASP A 336 -13.30 6.90 4.92
CA ASP A 336 -12.48 8.12 4.81
C ASP A 336 -12.66 8.56 3.33
N ASP A 337 -12.08 9.64 2.85
CA ASP A 337 -12.34 9.99 1.46
C ASP A 337 -11.24 10.79 0.81
N SER A 338 -10.93 10.52 -0.46
CA SER A 338 -10.16 11.48 -1.27
C SER A 338 -11.00 12.71 -1.44
N ASP A 339 -10.35 13.85 -1.44
CA ASP A 339 -11.03 15.13 -1.34
C ASP A 339 -11.11 15.84 -2.68
N LYS A 340 -10.06 15.73 -3.49
CA LYS A 340 -10.06 16.47 -4.77
C LYS A 340 -9.16 15.75 -5.77
N ARG A 341 -9.76 15.02 -6.70
CA ARG A 341 -8.95 14.33 -7.72
C ARG A 341 -8.88 15.21 -8.95
N ILE A 342 -7.66 15.62 -9.33
CA ILE A 342 -7.43 16.43 -10.55
C ILE A 342 -6.29 15.75 -11.29
N PRO A 343 -6.55 15.07 -12.42
CA PRO A 343 -5.51 14.32 -13.10
C PRO A 343 -4.57 15.19 -13.91
N ASP A 344 -3.27 14.99 -13.74
CA ASP A 344 -2.32 15.70 -14.54
C ASP A 344 -2.33 14.99 -15.88
N MET A 345 -2.27 15.78 -16.92
CA MET A 345 -2.38 15.21 -18.29
C MET A 345 -1.05 15.06 -19.03
N THR A 346 0.01 15.65 -18.47
CA THR A 346 1.27 15.79 -19.20
C THR A 346 1.74 14.50 -19.80
N ILE A 347 1.70 13.41 -19.00
CA ILE A 347 2.35 12.16 -19.43
C ILE A 347 1.47 11.54 -20.50
N ILE A 348 0.18 11.34 -20.22
CA ILE A 348 -0.68 10.70 -21.24
C ILE A 348 -0.80 11.53 -22.51
N ASN A 349 -0.84 12.84 -22.32
CA ASN A 349 -0.90 13.76 -23.44
C ASN A 349 0.37 13.67 -24.29
N ARG A 350 1.55 13.67 -23.66
CA ARG A 350 2.80 13.56 -24.41
C ARG A 350 2.94 12.21 -25.08
N GLN A 351 2.58 11.13 -24.41
CA GLN A 351 2.81 9.79 -24.98
C GLN A 351 1.83 9.35 -26.09
N LEU A 352 0.54 9.62 -25.88
CA LEU A 352 -0.54 9.17 -26.80
C LEU A 352 -1.34 10.29 -27.46
N GLY A 353 -1.12 11.53 -27.05
CA GLY A 353 -1.85 12.67 -27.58
C GLY A 353 -3.31 12.68 -27.26
N TRP A 354 -3.70 12.03 -26.17
CA TRP A 354 -5.12 11.87 -25.81
C TRP A 354 -5.68 13.13 -25.14
N ASN A 355 -6.96 13.41 -25.39
CA ASN A 355 -7.70 14.43 -24.66
C ASN A 355 -9.15 14.12 -24.61
N PRO A 356 -9.79 14.33 -23.47
CA PRO A 356 -11.23 14.08 -23.42
C PRO A 356 -12.00 15.16 -24.14
N LYS A 357 -12.70 14.80 -25.20
CA LYS A 357 -13.54 15.75 -25.92
C LYS A 357 -14.78 16.11 -25.08
N THR A 358 -15.37 15.19 -24.31
CA THR A 358 -16.76 15.33 -23.82
C THR A 358 -17.00 16.01 -22.47
N SER A 359 -17.96 16.92 -22.51
CA SER A 359 -18.42 17.70 -21.36
C SER A 359 -19.13 16.87 -20.34
N LEU A 360 -19.19 17.40 -19.12
CA LEU A 360 -19.90 16.74 -18.03
C LEU A 360 -21.39 16.75 -18.33
N TRP A 361 -21.92 17.93 -18.61
CA TRP A 361 -23.31 18.06 -18.96
C TRP A 361 -23.65 17.14 -20.12
N ASP A 362 -22.89 17.22 -21.22
CA ASP A 362 -23.13 16.37 -22.37
C ASP A 362 -23.15 14.90 -21.94
N LEU A 363 -22.12 14.46 -21.21
CA LEU A 363 -22.03 13.04 -20.84
C LEU A 363 -23.18 12.61 -19.93
N LEU A 364 -23.67 13.51 -19.10
CA LEU A 364 -24.80 13.20 -18.22
C LEU A 364 -26.12 13.10 -18.97
N GLU A 365 -26.34 14.02 -19.92
CA GLU A 365 -27.45 13.94 -20.86
C GLU A 365 -27.48 12.54 -21.50
N SER A 366 -26.36 12.16 -22.11
CA SER A 366 -26.21 10.84 -22.73
C SER A 366 -26.50 9.72 -21.75
N THR A 367 -25.85 9.78 -20.61
CA THR A 367 -25.91 8.67 -19.68
C THR A 367 -27.33 8.60 -19.09
N LEU A 368 -27.89 9.73 -18.66
CA LEU A 368 -29.22 9.69 -18.08
C LEU A 368 -30.30 9.30 -19.09
N THR A 369 -30.17 9.67 -20.36
CA THR A 369 -31.08 9.12 -21.40
C THR A 369 -31.00 7.58 -21.42
N TYR A 370 -29.81 7.00 -21.54
CA TYR A 370 -29.68 5.53 -21.40
C TYR A 370 -30.36 4.99 -20.13
N GLN A 371 -30.19 5.70 -19.02
CA GLN A 371 -30.72 5.26 -17.73
C GLN A 371 -32.25 5.29 -17.73
N HIS A 372 -32.81 6.36 -18.28
CA HIS A 372 -34.25 6.51 -18.33
C HIS A 372 -34.86 5.47 -19.27
N ARG A 373 -34.36 5.41 -20.51
CA ARG A 373 -34.75 4.36 -21.48
C ARG A 373 -34.76 2.97 -20.88
N THR A 374 -33.75 2.65 -20.07
CA THR A 374 -33.56 1.29 -19.61
C THR A 374 -34.40 1.04 -18.37
N TYR A 375 -34.22 1.85 -17.35
CA TYR A 375 -34.72 1.48 -16.02
C TYR A 375 -36.12 1.96 -15.68
N ALA A 376 -36.65 2.93 -16.42
CA ALA A 376 -37.83 3.68 -15.95
C ALA A 376 -39.12 2.85 -15.84
N GLU A 377 -39.41 2.00 -16.81
CA GLU A 377 -40.63 1.20 -16.76
C GLU A 377 -40.50 0.15 -15.65
N ALA A 378 -39.33 -0.51 -15.63
CA ALA A 378 -38.98 -1.49 -14.60
C ALA A 378 -39.13 -0.99 -13.16
N VAL A 379 -38.70 0.25 -12.92
CA VAL A 379 -38.77 0.83 -11.56
C VAL A 379 -40.21 1.26 -11.26
N LYS A 380 -41.02 1.44 -12.31
CA LYS A 380 -42.43 1.85 -12.10
C LYS A 380 -43.22 0.60 -11.74
N LYS A 381 -42.84 -0.54 -12.32
CA LYS A 381 -43.54 -1.82 -12.06
C LYS A 381 -43.10 -2.40 -10.71
N ALA A 382 -41.95 -1.96 -10.19
CA ALA A 382 -41.48 -2.48 -8.89
C ALA A 382 -41.89 -1.54 -7.76
N THR A 383 -42.72 -0.53 -8.08
CA THR A 383 -43.27 0.35 -7.00
C THR A 383 -44.68 -0.12 -6.64
N SER A 384 -45.21 -1.08 -7.40
CA SER A 384 -46.57 -1.63 -7.16
C SER A 384 -46.52 -3.17 -7.16
N ARG B 7 6.11 -11.82 38.60
CA ARG B 7 4.94 -12.39 39.31
C ARG B 7 3.61 -11.87 38.75
N VAL B 8 3.59 -10.64 38.24
CA VAL B 8 2.31 -9.89 38.04
C VAL B 8 2.23 -8.94 36.83
N ASP B 9 1.10 -8.93 36.10
CA ASP B 9 0.89 -7.93 35.00
C ASP B 9 0.50 -6.51 35.47
N LEU B 10 0.26 -5.59 34.56
CA LEU B 10 -0.23 -4.23 34.87
C LEU B 10 -1.63 -4.23 35.48
N ASP B 11 -2.58 -4.88 34.81
CA ASP B 11 -3.92 -5.08 35.37
C ASP B 11 -3.92 -5.89 36.68
N GLY B 12 -2.80 -5.98 37.39
CA GLY B 12 -2.75 -6.60 38.73
C GLY B 12 -2.74 -8.12 38.75
N LYS B 13 -3.25 -8.80 37.71
CA LYS B 13 -3.38 -10.27 37.66
C LYS B 13 -2.00 -10.98 37.61
N PRO B 14 -1.96 -12.29 37.93
CA PRO B 14 -0.68 -12.99 37.94
C PRO B 14 -0.28 -13.37 36.51
N ILE B 15 1.00 -13.61 36.24
CA ILE B 15 1.45 -13.98 34.87
C ILE B 15 1.43 -15.49 34.55
N GLN B 16 0.41 -15.94 33.81
CA GLN B 16 0.42 -17.38 33.45
C GLN B 16 1.59 -17.60 32.50
N PRO B 17 2.40 -18.68 32.64
CA PRO B 17 3.51 -18.93 31.73
C PRO B 17 2.99 -19.27 30.33
N LEU B 18 3.77 -18.99 29.29
CA LEU B 18 3.24 -19.21 27.92
C LEU B 18 4.26 -19.83 26.99
N THR B 19 3.78 -20.55 25.97
CA THR B 19 4.65 -21.09 24.91
C THR B 19 4.59 -20.05 23.79
N ILE B 20 5.74 -19.57 23.35
CA ILE B 20 5.79 -18.47 22.39
C ILE B 20 6.47 -18.97 21.14
N CYS B 21 5.77 -18.87 20.02
CA CYS B 21 6.36 -19.13 18.72
C CYS B 21 6.97 -17.84 18.21
N MET B 22 8.28 -17.78 18.14
CA MET B 22 8.96 -16.60 17.68
C MET B 22 9.57 -16.87 16.30
N ILE B 23 9.11 -16.13 15.30
CA ILE B 23 9.50 -16.34 13.93
C ILE B 23 10.44 -15.19 13.61
N GLY B 24 11.60 -15.50 13.04
CA GLY B 24 12.69 -14.52 12.85
C GLY B 24 13.41 -14.24 14.16
N ALA B 25 13.54 -15.32 14.94
CA ALA B 25 13.97 -15.28 16.32
C ALA B 25 15.48 -15.19 16.46
N GLY B 26 16.18 -15.53 15.39
CA GLY B 26 17.64 -15.40 15.34
C GLY B 26 18.11 -14.11 14.74
N GLY B 27 17.19 -13.18 14.53
CA GLY B 27 17.48 -11.85 14.03
C GLY B 27 17.94 -10.94 15.13
N PHE B 28 18.23 -9.69 14.74
CA PHE B 28 18.62 -8.62 15.67
C PHE B 28 17.62 -8.53 16.80
N ILE B 29 16.37 -8.25 16.48
CA ILE B 29 15.37 -8.05 17.50
C ILE B 29 15.08 -9.37 18.17
N GLY B 30 14.93 -10.42 17.38
CA GLY B 30 14.66 -11.75 17.95
C GLY B 30 15.63 -12.16 19.04
N SER B 31 16.91 -11.94 18.78
CA SER B 31 17.95 -12.42 19.64
C SER B 31 17.89 -11.76 20.98
N HIS B 32 17.75 -10.43 20.98
CA HIS B 32 17.58 -9.69 22.21
C HIS B 32 16.25 -10.06 22.91
N LEU B 33 15.23 -10.35 22.12
CA LEU B 33 13.96 -10.73 22.74
C LEU B 33 14.10 -12.04 23.50
N CYS B 34 14.79 -13.02 22.93
CA CYS B 34 15.04 -14.30 23.58
C CYS B 34 15.81 -14.09 24.89
N GLU B 35 16.94 -13.37 24.86
CA GLU B 35 17.71 -13.06 26.10
C GLU B 35 16.77 -12.55 27.17
N LYS B 36 15.84 -11.67 26.83
CA LYS B 36 14.94 -11.12 27.84
C LYS B 36 13.92 -12.11 28.37
N LEU B 37 13.36 -12.93 27.49
CA LEU B 37 12.33 -13.85 27.93
C LEU B 37 12.96 -14.88 28.83
N LEU B 38 14.13 -15.34 28.43
CA LEU B 38 14.86 -16.36 29.17
C LEU B 38 15.28 -15.87 30.53
N THR B 39 15.90 -14.71 30.60
CA THR B 39 16.48 -14.24 31.85
C THR B 39 15.46 -13.62 32.81
N GLU B 40 14.35 -13.10 32.32
CA GLU B 40 13.45 -12.36 33.19
C GLU B 40 12.01 -12.88 33.22
N THR B 41 11.71 -14.02 32.58
CA THR B 41 10.33 -14.55 32.59
C THR B 41 10.24 -16.06 32.54
N PRO B 42 9.11 -16.60 33.03
CA PRO B 42 8.89 -18.04 32.94
C PRO B 42 8.62 -18.62 31.55
N HIS B 43 8.53 -17.82 30.49
CA HIS B 43 7.92 -18.32 29.24
C HIS B 43 8.82 -19.26 28.41
N LYS B 44 8.19 -20.13 27.63
CA LYS B 44 8.91 -21.06 26.76
C LYS B 44 8.93 -20.44 25.36
N VAL B 45 10.08 -20.52 24.69
CA VAL B 45 10.28 -19.93 23.36
C VAL B 45 10.52 -21.01 22.33
N LEU B 46 9.81 -20.94 21.21
CA LEU B 46 10.14 -21.73 20.04
C LEU B 46 10.77 -20.81 19.01
N ALA B 47 12.08 -20.95 18.82
CA ALA B 47 12.84 -20.06 17.96
C ALA B 47 12.90 -20.60 16.53
N LEU B 48 12.14 -19.96 15.65
CA LEU B 48 12.11 -20.31 14.24
C LEU B 48 12.86 -19.23 13.49
N ASP B 49 13.76 -19.69 12.63
CA ASP B 49 14.56 -18.85 11.78
C ASP B 49 15.27 -19.79 10.84
N VAL B 50 15.81 -19.26 9.75
CA VAL B 50 16.73 -20.07 8.95
C VAL B 50 18.09 -20.16 9.61
N TYR B 51 18.56 -19.07 10.22
CA TYR B 51 19.90 -19.01 10.85
C TYR B 51 19.77 -18.70 12.32
N ASN B 52 20.67 -19.24 13.11
CA ASN B 52 20.63 -19.11 14.57
C ASN B 52 21.90 -18.42 15.12
N ASP B 53 22.70 -17.83 14.25
CA ASP B 53 24.02 -17.29 14.63
C ASP B 53 23.94 -16.40 15.87
N LYS B 54 22.97 -15.50 15.85
CA LYS B 54 22.81 -14.48 16.90
C LYS B 54 22.21 -15.02 18.23
N ILE B 55 21.69 -16.24 18.22
CA ILE B 55 21.18 -16.88 19.44
C ILE B 55 21.98 -18.13 19.81
N LYS B 56 23.14 -18.31 19.17
CA LYS B 56 23.90 -19.54 19.30
C LYS B 56 24.45 -19.62 20.73
N HIS B 57 24.86 -18.48 21.28
CA HIS B 57 25.22 -18.32 22.72
C HIS B 57 24.14 -18.81 23.72
N LEU B 58 22.89 -18.97 23.29
CA LEU B 58 21.78 -19.45 24.11
C LEU B 58 21.34 -20.90 23.83
N LEU B 59 22.18 -21.72 23.19
CA LEU B 59 21.88 -23.15 22.96
C LEU B 59 22.90 -24.13 23.68
N GLU B 60 23.20 -23.77 24.97
CA GLU B 60 24.04 -24.49 25.97
C GLU B 60 23.19 -24.98 27.14
N ARG B 69 13.42 -24.48 27.84
CA ARG B 69 12.64 -23.25 27.61
C ARG B 69 13.03 -22.45 26.36
N ILE B 70 13.96 -22.96 25.57
CA ILE B 70 14.17 -22.46 24.23
C ILE B 70 14.47 -23.65 23.32
N GLN B 71 14.03 -23.56 22.07
CA GLN B 71 14.10 -24.69 21.13
C GLN B 71 14.22 -24.14 19.72
N PHE B 72 15.43 -24.17 19.15
CA PHE B 72 15.62 -23.74 17.77
C PHE B 72 14.91 -24.72 16.83
N HIS B 73 14.43 -24.22 15.71
CA HIS B 73 13.88 -25.05 14.62
C HIS B 73 14.33 -24.39 13.35
N ARG B 74 15.28 -24.97 12.64
CA ARG B 74 15.76 -24.39 11.37
C ARG B 74 14.60 -24.56 10.41
N ILE B 75 13.88 -23.48 10.13
CA ILE B 75 12.67 -23.50 9.28
C ILE B 75 12.65 -22.24 8.44
N ASN B 76 12.19 -22.40 7.20
CA ASN B 76 12.02 -21.32 6.23
C ASN B 76 10.54 -21.24 5.92
N ILE B 77 9.89 -20.17 6.41
CA ILE B 77 8.43 -20.10 6.33
C ILE B 77 7.86 -19.98 4.91
N LYS B 78 8.65 -19.69 3.89
CA LYS B 78 8.15 -19.66 2.51
C LYS B 78 7.43 -20.99 2.18
N HIS B 79 8.09 -22.12 2.38
CA HIS B 79 7.60 -23.45 2.02
C HIS B 79 7.98 -24.47 3.10
N ASP B 80 7.08 -24.77 4.05
CA ASP B 80 7.37 -25.70 5.16
C ASP B 80 6.11 -26.13 6.00
N SER B 81 5.67 -27.37 5.77
CA SER B 81 4.39 -27.87 6.31
C SER B 81 4.33 -27.87 7.83
N ARG B 82 5.49 -28.10 8.45
CA ARG B 82 5.56 -28.19 9.92
C ARG B 82 5.24 -26.87 10.61
N LEU B 83 5.21 -25.77 9.86
CA LEU B 83 4.81 -24.49 10.45
C LEU B 83 3.47 -24.52 11.18
N GLU B 84 2.41 -25.01 10.54
CA GLU B 84 1.09 -24.93 11.17
C GLU B 84 1.06 -25.63 12.53
N GLY B 85 1.77 -26.74 12.64
CA GLY B 85 1.85 -27.49 13.90
C GLY B 85 2.65 -26.73 14.94
N LEU B 86 3.80 -26.20 14.51
CA LEU B 86 4.60 -25.31 15.35
C LEU B 86 3.81 -24.12 15.88
N VAL B 87 2.90 -23.55 15.07
CA VAL B 87 2.01 -22.48 15.54
C VAL B 87 1.02 -23.05 16.53
N LYS B 88 0.40 -24.17 16.15
CA LYS B 88 -0.61 -24.82 16.99
C LYS B 88 0.00 -25.23 18.34
N MET B 89 1.32 -25.45 18.36
CA MET B 89 2.11 -25.67 19.59
C MET B 89 2.04 -24.55 20.64
N ALA B 90 2.08 -23.30 20.19
CA ALA B 90 2.26 -22.16 21.09
C ALA B 90 0.95 -21.47 21.40
N ASP B 91 1.04 -20.55 22.35
CA ASP B 91 -0.10 -19.68 22.70
C ASP B 91 -0.01 -18.30 22.05
N LEU B 92 1.20 -17.90 21.67
CA LEU B 92 1.44 -16.58 21.16
C LEU B 92 2.47 -16.69 20.05
N ILE B 93 2.16 -16.09 18.91
CA ILE B 93 3.09 -16.08 17.80
C ILE B 93 3.61 -14.65 17.73
N ILE B 94 4.91 -14.50 17.48
CA ILE B 94 5.55 -13.20 17.28
C ILE B 94 6.31 -13.31 15.94
N ASN B 95 5.91 -12.51 14.96
CA ASN B 95 6.46 -12.58 13.60
C ASN B 95 7.38 -11.42 13.37
N LEU B 96 8.67 -11.70 13.41
CA LEU B 96 9.71 -10.73 13.10
C LEU B 96 10.27 -10.93 11.69
N ALA B 97 9.87 -12.01 11.01
CA ALA B 97 10.61 -12.49 9.84
C ALA B 97 10.33 -11.60 8.67
N ALA B 98 11.35 -10.91 8.17
CA ALA B 98 11.12 -9.78 7.25
C ALA B 98 12.42 -9.18 6.75
N ILE B 99 12.49 -8.92 5.46
CA ILE B 99 13.60 -8.17 4.89
C ILE B 99 13.38 -6.74 5.29
N CYS B 100 14.34 -6.15 6.00
CA CYS B 100 14.14 -4.82 6.55
C CYS B 100 15.33 -3.87 6.47
N THR B 101 16.27 -4.11 5.55
CA THR B 101 17.36 -3.18 5.25
C THR B 101 17.06 -2.35 3.99
N PRO B 102 16.93 -1.03 4.12
CA PRO B 102 16.57 -0.18 2.97
C PRO B 102 17.33 -0.40 1.69
N ALA B 103 18.60 -0.74 1.85
CA ALA B 103 19.47 -1.11 0.76
C ALA B 103 18.79 -1.86 -0.38
N ASP B 104 17.98 -2.87 -0.06
CA ASP B 104 17.41 -3.69 -1.12
C ASP B 104 15.89 -3.66 -1.18
N TYR B 105 15.33 -2.50 -0.86
CA TYR B 105 13.94 -2.19 -1.17
C TYR B 105 13.82 -1.81 -2.64
N ASN B 106 14.78 -1.00 -3.11
CA ASN B 106 14.87 -0.63 -4.53
C ASN B 106 15.71 -1.57 -5.38
N THR B 107 16.40 -2.52 -4.79
CA THR B 107 17.25 -3.41 -5.58
C THR B 107 16.63 -4.81 -5.70
N ARG B 108 16.03 -5.33 -4.64
CA ARG B 108 15.23 -6.56 -4.70
C ARG B 108 13.75 -6.34 -4.32
N PRO B 109 13.05 -5.44 -5.04
CA PRO B 109 11.66 -5.10 -4.68
C PRO B 109 10.69 -6.28 -4.62
N LEU B 110 10.84 -7.26 -5.50
CA LEU B 110 9.93 -8.41 -5.48
C LEU B 110 10.10 -9.22 -4.21
N ASP B 111 11.36 -9.59 -3.93
CA ASP B 111 11.70 -10.35 -2.70
C ASP B 111 11.25 -9.57 -1.46
N THR B 112 11.35 -8.24 -1.48
CA THR B 112 10.89 -7.40 -0.37
C THR B 112 9.40 -7.51 -0.11
N ILE B 113 8.63 -7.43 -1.19
CA ILE B 113 7.18 -7.49 -1.10
C ILE B 113 6.75 -8.88 -0.69
N TYR B 114 7.33 -9.88 -1.32
CA TYR B 114 7.05 -11.25 -0.96
C TYR B 114 7.42 -11.51 0.50
N SER B 115 8.54 -10.97 0.95
CA SER B 115 8.97 -11.14 2.34
C SER B 115 7.99 -10.54 3.29
N ASN B 116 7.67 -9.26 3.07
CA ASN B 116 6.92 -8.45 4.04
C ASN B 116 5.41 -8.53 3.96
N PHE B 117 4.89 -8.95 2.82
CA PHE B 117 3.45 -9.22 2.69
C PHE B 117 3.11 -10.68 2.52
N ILE B 118 3.56 -11.27 1.43
CA ILE B 118 3.01 -12.57 1.00
C ILE B 118 3.36 -13.70 1.97
N ASP B 119 4.64 -13.78 2.34
CA ASP B 119 5.15 -14.82 3.23
C ASP B 119 4.54 -14.77 4.59
N ALA B 120 4.02 -13.60 5.01
CA ALA B 120 3.37 -13.49 6.32
C ALA B 120 1.93 -14.02 6.34
N LEU B 121 1.30 -14.14 5.18
CA LEU B 121 -0.13 -14.47 5.11
C LEU B 121 -0.50 -15.77 5.80
N PRO B 122 0.25 -16.85 5.51
CA PRO B 122 0.02 -18.13 6.21
C PRO B 122 0.02 -18.01 7.74
N VAL B 123 1.01 -17.29 8.27
CA VAL B 123 1.15 -17.04 9.71
C VAL B 123 -0.18 -16.49 10.29
N VAL B 124 -0.73 -15.54 9.54
CA VAL B 124 -1.99 -14.89 9.88
C VAL B 124 -3.16 -15.89 9.77
N LYS B 125 -3.17 -16.67 8.68
CA LYS B 125 -4.14 -17.74 8.51
C LYS B 125 -4.19 -18.64 9.76
N TYR B 126 -3.03 -19.15 10.16
CA TYR B 126 -2.99 -20.13 11.23
C TYR B 126 -3.36 -19.53 12.56
N CYS B 127 -2.85 -18.34 12.87
CA CYS B 127 -3.25 -17.70 14.11
C CYS B 127 -4.77 -17.50 14.24
N SER B 128 -5.44 -17.17 13.14
CA SER B 128 -6.88 -16.90 13.19
C SER B 128 -7.70 -18.17 13.24
N GLU B 129 -7.29 -19.16 12.43
CA GLU B 129 -7.93 -20.48 12.41
C GLU B 129 -7.91 -21.16 13.76
N ASN B 130 -6.70 -21.23 14.33
CA ASN B 130 -6.45 -21.97 15.58
C ASN B 130 -6.55 -21.09 16.85
N ASN B 131 -7.12 -19.89 16.72
CA ASN B 131 -7.37 -18.98 17.85
C ASN B 131 -6.16 -18.73 18.73
N LYS B 132 -5.06 -18.40 18.06
CA LYS B 132 -3.86 -17.88 18.71
C LYS B 132 -3.80 -16.37 18.58
N ARG B 133 -2.99 -15.80 19.46
CA ARG B 133 -2.72 -14.39 19.52
C ARG B 133 -1.51 -14.10 18.66
N LEU B 134 -1.53 -12.99 17.93
CA LEU B 134 -0.42 -12.63 17.03
C LEU B 134 0.15 -11.26 17.37
N ILE B 135 1.47 -11.17 17.45
CA ILE B 135 2.16 -9.90 17.50
C ILE B 135 2.94 -9.80 16.20
N HIS B 136 2.53 -8.86 15.35
CA HIS B 136 3.19 -8.66 14.08
C HIS B 136 4.01 -7.40 14.12
N PHE B 137 5.22 -7.51 13.61
CA PHE B 137 6.12 -6.39 13.56
C PHE B 137 5.98 -5.72 12.23
N SER B 138 5.47 -4.50 12.27
CA SER B 138 5.47 -3.62 11.11
C SER B 138 6.68 -2.67 11.22
N THR B 139 6.48 -1.36 11.00
CA THR B 139 7.57 -0.39 10.98
C THR B 139 7.03 1.03 11.00
N CYS B 140 7.83 1.93 11.53
CA CYS B 140 7.62 3.38 11.39
C CYS B 140 7.62 3.85 9.92
N GLU B 141 8.18 3.03 9.03
CA GLU B 141 8.19 3.35 7.62
C GLU B 141 6.79 3.40 7.06
N VAL B 142 5.83 2.78 7.73
CA VAL B 142 4.45 2.83 7.29
C VAL B 142 3.89 4.25 7.19
N TYR B 143 4.28 5.14 8.12
CA TYR B 143 3.96 6.58 8.00
C TYR B 143 4.64 7.23 6.80
N GLY B 144 5.83 6.72 6.47
CA GLY B 144 6.64 7.19 5.36
C GLY B 144 7.14 8.57 5.65
N LYS B 145 6.64 9.51 4.84
CA LYS B 145 6.98 10.94 4.91
C LYS B 145 5.99 11.75 5.74
N THR B 146 6.50 12.85 6.23
CA THR B 146 5.70 13.75 7.03
C THR B 146 5.03 14.67 6.05
N ILE B 147 3.77 14.89 6.34
CA ILE B 147 3.06 15.93 5.63
C ILE B 147 3.76 17.29 5.63
N GLY B 148 4.45 17.64 6.72
CA GLY B 148 5.27 18.83 6.79
C GLY B 148 6.32 18.95 5.70
N SER B 149 6.81 17.80 5.24
CA SER B 149 7.87 17.78 4.22
C SER B 149 7.52 18.42 2.89
N PHE B 150 6.23 18.63 2.63
CA PHE B 150 5.73 19.18 1.36
C PHE B 150 5.45 20.66 1.41
N LEU B 151 5.50 21.23 2.60
CA LEU B 151 5.32 22.67 2.75
C LEU B 151 6.64 23.27 2.31
N PRO B 152 6.63 24.52 1.83
CA PRO B 152 7.83 25.25 1.37
C PRO B 152 9.00 25.29 2.34
N LYS B 153 10.23 25.49 1.83
CA LYS B 153 11.44 25.55 2.67
C LYS B 153 11.20 26.62 3.72
N ASP B 154 11.52 26.31 4.98
CA ASP B 154 11.39 27.29 6.05
C ASP B 154 9.98 27.91 6.20
N HIS B 155 8.93 27.21 5.75
CA HIS B 155 7.56 27.69 6.03
C HIS B 155 7.23 27.38 7.48
N PRO B 156 6.72 28.37 8.24
CA PRO B 156 6.43 28.18 9.68
C PRO B 156 5.54 27.01 10.08
N LEU B 157 4.65 26.60 9.18
CA LEU B 157 3.73 25.49 9.52
C LEU B 157 4.57 24.24 9.77
N ARG B 158 5.86 24.28 9.46
CA ARG B 158 6.74 23.10 9.64
C ARG B 158 7.04 22.91 11.14
N ASP B 159 6.98 24.00 11.90
CA ASP B 159 7.25 23.98 13.36
C ASP B 159 6.03 23.46 14.12
N ASP B 160 4.86 23.35 13.48
CA ASP B 160 3.61 22.88 14.14
C ASP B 160 3.62 21.36 14.21
N PRO B 161 3.71 20.75 15.41
CA PRO B 161 3.76 19.29 15.53
C PRO B 161 2.66 18.59 14.78
N ALA B 162 1.57 19.31 14.59
CA ALA B 162 0.50 18.90 13.68
C ALA B 162 1.00 18.28 12.39
N PHE B 163 2.15 18.71 11.88
CA PHE B 163 2.64 18.28 10.61
C PHE B 163 3.78 17.29 10.65
N TYR B 164 4.33 16.98 11.84
CA TYR B 164 5.38 15.93 11.89
C TYR B 164 5.27 14.77 12.89
N VAL B 165 4.45 14.94 13.92
CA VAL B 165 4.33 13.91 14.95
C VAL B 165 3.48 12.80 14.38
N LEU B 166 3.87 11.56 14.65
CA LEU B 166 3.27 10.45 13.94
C LEU B 166 2.45 9.64 14.90
N LYS B 167 1.16 9.98 14.94
CA LYS B 167 0.22 9.29 15.82
C LYS B 167 -0.36 8.08 15.09
N GLU B 168 -0.48 6.96 15.78
CA GLU B 168 -0.75 5.66 15.12
C GLU B 168 -2.19 5.51 14.68
N ASP B 169 -3.13 6.01 15.46
CA ASP B 169 -4.55 5.96 15.09
C ASP B 169 -5.01 6.99 14.06
N ILE B 170 -4.24 8.05 13.79
CA ILE B 170 -4.67 9.09 12.82
C ILE B 170 -3.69 9.68 11.84
N SER B 171 -2.40 9.71 12.11
CA SER B 171 -1.51 10.22 11.06
C SER B 171 -1.61 9.39 9.75
N PRO B 172 -1.36 10.05 8.60
CA PRO B 172 -1.48 9.33 7.36
C PRO B 172 -0.19 8.62 6.95
N CYS B 173 -0.39 7.66 6.05
CA CYS B 173 0.68 6.94 5.38
C CYS B 173 0.96 7.67 4.08
N ILE B 174 2.13 8.30 4.02
CA ILE B 174 2.52 9.05 2.83
C ILE B 174 3.74 8.44 2.19
N PHE B 175 3.59 7.89 0.99
CA PHE B 175 4.73 7.38 0.25
C PHE B 175 4.96 8.15 -1.03
N GLY B 176 6.20 8.04 -1.52
CA GLY B 176 6.57 8.45 -2.87
C GLY B 176 5.75 7.82 -4.00
N SER B 177 6.00 8.29 -5.21
CA SER B 177 5.37 7.71 -6.36
C SER B 177 5.88 6.26 -6.55
N ILE B 178 5.32 5.56 -7.52
CA ILE B 178 5.59 4.14 -7.72
C ILE B 178 7.04 3.88 -8.11
N GLU B 179 7.57 4.76 -8.96
CA GLU B 179 8.93 4.67 -9.44
C GLU B 179 9.93 4.76 -8.31
N LYS B 180 9.55 5.36 -7.17
CA LYS B 180 10.35 5.30 -5.95
C LYS B 180 10.12 3.97 -5.28
N GLN B 181 10.90 3.00 -5.77
CA GLN B 181 10.84 1.60 -5.36
C GLN B 181 11.19 1.35 -3.89
N ARG B 182 11.85 2.28 -3.19
CA ARG B 182 12.09 2.08 -1.75
C ARG B 182 10.82 1.82 -0.94
N TRP B 183 9.71 2.36 -1.43
CA TRP B 183 8.47 2.23 -0.71
C TRP B 183 7.87 0.85 -0.88
N SER B 184 8.39 0.03 -1.80
CA SER B 184 8.10 -1.41 -1.82
C SER B 184 7.90 -1.97 -0.42
N TYR B 185 8.91 -1.74 0.41
CA TYR B 185 8.91 -2.21 1.78
C TYR B 185 7.77 -1.61 2.58
N ALA B 186 7.68 -0.29 2.58
CA ALA B 186 6.63 0.35 3.35
C ALA B 186 5.20 -0.06 2.91
N CYS B 187 4.98 -0.17 1.60
CA CYS B 187 3.66 -0.46 1.07
C CYS B 187 3.25 -1.87 1.46
N ALA B 188 4.20 -2.79 1.40
CA ALA B 188 3.95 -4.15 1.84
C ALA B 188 3.61 -4.22 3.32
N LYS B 189 4.35 -3.46 4.12
CA LYS B 189 4.09 -3.41 5.55
C LYS B 189 2.72 -2.77 5.81
N GLN B 190 2.41 -1.72 5.04
CA GLN B 190 1.10 -1.09 5.16
C GLN B 190 0.01 -2.11 4.93
N LEU B 191 0.11 -2.88 3.84
CA LEU B 191 -0.97 -3.82 3.49
C LEU B 191 -1.10 -4.94 4.51
N ILE B 192 0.03 -5.46 5.01
CA ILE B 192 -0.05 -6.50 6.01
C ILE B 192 -0.75 -5.98 7.28
N GLU B 193 -0.53 -4.71 7.60
CA GLU B 193 -1.22 -4.11 8.74
C GLU B 193 -2.71 -4.03 8.49
N ARG B 194 -3.11 -3.64 7.28
CA ARG B 194 -4.53 -3.46 6.97
C ARG B 194 -5.25 -4.76 6.97
N LEU B 195 -4.50 -5.80 6.60
CA LEU B 195 -5.02 -7.15 6.55
C LEU B 195 -5.14 -7.74 7.93
N VAL B 196 -4.12 -7.53 8.75
CA VAL B 196 -4.16 -8.03 10.11
C VAL B 196 -5.31 -7.38 10.86
N TYR B 197 -5.43 -6.07 10.68
CA TYR B 197 -6.47 -5.30 11.32
C TYR B 197 -7.84 -5.72 10.79
N ALA B 198 -7.91 -5.99 9.49
CA ALA B 198 -9.12 -6.50 8.86
C ALA B 198 -9.49 -7.84 9.40
N GLU B 199 -8.53 -8.75 9.48
CA GLU B 199 -8.75 -10.07 10.04
C GLU B 199 -9.19 -9.96 11.50
N GLY B 200 -8.71 -8.97 12.23
CA GLY B 200 -9.21 -8.68 13.57
C GLY B 200 -10.62 -8.18 13.57
N ALA B 201 -11.02 -7.49 12.49
CA ALA B 201 -12.39 -7.02 12.29
C ALA B 201 -13.33 -8.05 11.66
N GLU B 202 -13.10 -8.49 10.41
CA GLU B 202 -14.00 -9.47 9.73
C GLU B 202 -14.16 -10.79 10.54
N ASN B 203 -13.07 -11.30 11.13
CA ASN B 203 -13.12 -12.40 12.12
C ASN B 203 -12.51 -11.84 13.36
N GLY B 204 -12.30 -12.68 14.37
CA GLY B 204 -12.00 -12.14 15.70
C GLY B 204 -10.55 -12.09 16.15
N LEU B 205 -9.60 -12.06 15.22
CA LEU B 205 -8.18 -12.21 15.57
C LEU B 205 -7.67 -11.28 16.68
N GLU B 206 -7.12 -11.88 17.74
CA GLU B 206 -6.44 -11.16 18.80
C GLU B 206 -5.07 -10.83 18.27
N PHE B 207 -4.77 -9.55 18.17
CA PHE B 207 -3.48 -9.12 17.63
C PHE B 207 -2.98 -7.84 18.24
N THR B 208 -1.68 -7.64 18.03
CA THR B 208 -1.02 -6.39 18.34
C THR B 208 -0.02 -6.11 17.21
N ILE B 209 0.10 -4.85 16.81
CA ILE B 209 1.10 -4.48 15.82
C ILE B 209 2.11 -3.53 16.42
N VAL B 210 3.38 -3.78 16.10
CA VAL B 210 4.51 -3.02 16.58
C VAL B 210 5.14 -2.22 15.46
N ARG B 211 5.32 -0.92 15.67
CA ARG B 211 6.03 -0.05 14.73
C ARG B 211 7.31 0.44 15.37
N PRO B 212 8.41 -0.27 15.15
CA PRO B 212 9.68 0.18 15.67
C PRO B 212 10.13 1.42 14.94
N PHE B 213 10.60 2.40 15.71
CA PHE B 213 11.31 3.57 15.18
C PHE B 213 12.77 3.34 15.49
N ASN B 214 13.51 2.83 14.49
CA ASN B 214 14.97 2.81 14.53
C ASN B 214 15.53 2.28 15.87
N TRP B 215 15.30 1.00 16.13
CA TRP B 215 15.86 0.35 17.30
C TRP B 215 17.35 0.11 17.12
N ILE B 216 18.14 0.53 18.11
CA ILE B 216 19.59 0.47 18.02
C ILE B 216 20.18 -0.39 19.13
N GLY B 217 21.19 -1.19 18.81
CA GLY B 217 21.91 -1.96 19.82
C GLY B 217 22.88 -2.98 19.28
N PRO B 218 23.41 -3.85 20.18
CA PRO B 218 24.37 -4.87 19.88
C PRO B 218 24.28 -5.69 18.60
N ARG B 219 23.37 -6.64 18.41
CA ARG B 219 23.59 -7.53 17.25
C ARG B 219 22.89 -7.08 15.91
N MET B 220 22.81 -5.77 15.69
CA MET B 220 22.07 -5.22 14.55
C MET B 220 22.84 -5.48 13.25
N ASP B 221 22.24 -6.25 12.34
CA ASP B 221 22.76 -6.43 10.98
C ASP B 221 24.13 -7.07 11.01
N PHE B 222 25.12 -6.47 10.34
CA PHE B 222 26.42 -7.11 10.11
C PHE B 222 27.42 -6.05 9.71
N ILE B 223 28.68 -6.27 10.09
CA ILE B 223 29.81 -5.55 9.55
C ILE B 223 30.26 -6.22 8.25
N PRO B 224 30.32 -5.45 7.15
CA PRO B 224 30.82 -5.97 5.87
C PRO B 224 32.26 -6.48 5.93
N GLY B 225 32.53 -7.59 5.24
CA GLY B 225 33.86 -8.19 5.13
C GLY B 225 34.28 -8.97 6.35
N ILE B 226 33.36 -9.11 7.31
CA ILE B 226 33.65 -9.78 8.60
C ILE B 226 32.45 -10.65 9.00
N ASP B 227 31.33 -10.00 9.27
CA ASP B 227 30.08 -10.66 9.72
C ASP B 227 29.21 -10.96 8.52
N GLY B 228 29.45 -10.27 7.41
CA GLY B 228 28.62 -10.45 6.21
C GLY B 228 29.35 -10.00 4.96
N PRO B 229 28.69 -9.96 3.80
CA PRO B 229 29.37 -9.63 2.54
C PRO B 229 30.06 -8.29 2.51
N SER B 230 31.23 -8.25 1.87
CA SER B 230 32.04 -7.03 1.77
C SER B 230 31.31 -5.94 1.03
N GLU B 231 30.65 -6.31 -0.06
CA GLU B 231 29.90 -5.32 -0.84
C GLU B 231 28.50 -5.03 -0.27
N GLY B 232 28.03 -5.79 0.73
CA GLY B 232 26.77 -5.50 1.47
C GLY B 232 26.54 -4.13 2.09
N VAL B 233 25.26 -3.78 2.28
CA VAL B 233 24.86 -2.43 2.78
C VAL B 233 23.75 -2.50 3.83
N PRO B 234 24.15 -2.46 5.10
CA PRO B 234 23.16 -2.49 6.14
C PRO B 234 22.55 -1.11 6.51
N ARG B 235 21.95 -1.10 7.68
CA ARG B 235 21.34 0.07 8.21
C ARG B 235 22.38 0.86 8.95
N VAL B 236 22.06 2.13 9.11
CA VAL B 236 23.04 3.15 9.41
C VAL B 236 23.94 2.84 10.60
N LEU B 237 23.40 2.17 11.63
CA LEU B 237 24.25 1.81 12.75
C LEU B 237 25.46 1.02 12.26
N ALA B 238 25.16 -0.09 11.60
CA ALA B 238 26.20 -0.98 11.11
C ALA B 238 27.13 -0.29 10.11
N CYS B 239 26.59 0.55 9.24
CA CYS B 239 27.38 1.22 8.20
C CYS B 239 28.43 2.11 8.82
N PHE B 240 27.99 2.96 9.75
CA PHE B 240 28.91 3.83 10.47
C PHE B 240 29.82 3.03 11.39
N SER B 241 29.30 1.99 12.04
CA SER B 241 30.16 1.12 12.83
C SER B 241 31.35 0.67 11.99
N ASN B 242 31.07 0.16 10.79
CA ASN B 242 32.15 -0.30 9.90
C ASN B 242 33.11 0.85 9.57
N ASN B 243 32.58 1.99 9.14
CA ASN B 243 33.38 3.19 8.86
C ASN B 243 34.37 3.57 10.00
N LEU B 244 33.92 3.43 11.24
CA LEU B 244 34.72 3.76 12.40
C LEU B 244 35.81 2.74 12.68
N LEU B 245 35.42 1.47 12.66
CA LEU B 245 36.31 0.33 12.84
C LEU B 245 37.47 0.30 11.84
N ARG B 246 37.20 0.75 10.62
CA ARG B 246 38.21 0.80 9.59
C ARG B 246 38.82 2.17 9.49
N ARG B 247 38.49 3.06 10.39
CA ARG B 247 38.96 4.43 10.33
C ARG B 247 38.72 5.14 9.00
N GLU B 248 37.76 4.69 8.20
CA GLU B 248 37.37 5.51 7.03
C GLU B 248 36.40 6.54 7.51
N PRO B 249 36.18 7.61 6.72
CA PRO B 249 35.11 8.55 7.03
C PRO B 249 33.72 7.93 6.85
N LEU B 250 32.72 8.56 7.50
CA LEU B 250 31.34 8.08 7.48
C LEU B 250 30.64 8.67 6.27
N LYS B 251 30.16 7.79 5.40
CA LYS B 251 29.42 8.17 4.20
C LYS B 251 28.04 8.76 4.61
N LEU B 252 27.79 10.04 4.30
CA LEU B 252 26.48 10.71 4.59
C LEU B 252 25.62 10.87 3.35
N VAL B 253 24.51 10.13 3.26
CA VAL B 253 23.71 10.07 2.02
C VAL B 253 22.91 11.35 1.78
N ASP B 254 23.18 12.00 0.66
CA ASP B 254 22.73 13.37 0.35
C ASP B 254 22.87 14.34 1.52
N GLY B 255 24.02 14.28 2.17
CA GLY B 255 24.38 15.17 3.26
C GLY B 255 23.68 14.92 4.56
N GLY B 256 23.11 13.74 4.71
CA GLY B 256 22.50 13.30 5.95
C GLY B 256 21.63 14.29 6.71
N GLU B 257 20.82 15.05 5.98
CA GLU B 257 20.00 16.05 6.64
C GLU B 257 18.65 15.52 7.14
N SER B 258 18.24 14.33 6.71
CA SER B 258 17.04 13.68 7.28
C SER B 258 17.26 13.40 8.74
N GLN B 259 16.17 13.27 9.48
CA GLN B 259 16.16 13.07 10.92
C GLN B 259 15.60 11.74 11.30
N ARG B 260 15.98 11.28 12.49
CA ARG B 260 15.54 10.01 13.00
C ARG B 260 15.50 10.08 14.51
N THR B 261 14.80 9.12 15.11
CA THR B 261 14.80 8.94 16.54
C THR B 261 15.11 7.51 16.92
N PHE B 262 16.27 7.37 17.55
CA PHE B 262 16.76 6.09 17.95
C PHE B 262 16.35 5.73 19.37
N VAL B 263 15.95 4.49 19.59
CA VAL B 263 15.67 4.03 20.94
C VAL B 263 16.64 2.90 21.25
N TYR B 264 17.06 2.81 22.49
CA TYR B 264 17.96 1.70 22.88
C TYR B 264 17.21 0.36 22.78
N ILE B 265 17.87 -0.64 22.23
CA ILE B 265 17.28 -1.97 22.08
C ILE B 265 16.69 -2.48 23.39
N ASN B 266 17.39 -2.23 24.50
CA ASN B 266 16.92 -2.74 25.78
C ASN B 266 15.63 -2.05 26.20
N ASP B 267 15.55 -0.74 25.98
CA ASP B 267 14.32 0.00 26.25
C ASP B 267 13.17 -0.61 25.45
N ALA B 268 13.42 -0.88 24.17
CA ALA B 268 12.36 -1.36 23.26
C ALA B 268 11.84 -2.72 23.66
N ILE B 269 12.75 -3.58 24.12
CA ILE B 269 12.32 -4.92 24.46
C ILE B 269 11.40 -4.94 25.68
N GLU B 270 11.66 -4.03 26.61
CA GLU B 270 10.77 -3.85 27.74
C GLU B 270 9.35 -3.62 27.22
N ALA B 271 9.20 -2.71 26.25
CA ALA B 271 7.91 -2.47 25.60
C ALA B 271 7.28 -3.77 25.11
N VAL B 272 8.02 -4.49 24.29
CA VAL B 272 7.49 -5.73 23.74
C VAL B 272 7.01 -6.67 24.84
N LEU B 273 7.78 -6.75 25.91
CA LEU B 273 7.45 -7.64 27.02
C LEU B 273 6.09 -7.28 27.63
N LEU B 274 5.87 -5.98 27.83
CA LEU B 274 4.60 -5.51 28.39
C LEU B 274 3.42 -5.94 27.54
N MET B 275 3.61 -5.89 26.21
CA MET B 275 2.60 -6.35 25.24
C MET B 275 2.37 -7.83 25.39
N ILE B 276 3.46 -8.58 25.56
CA ILE B 276 3.33 -10.01 25.74
C ILE B 276 2.47 -10.25 26.99
N GLU B 277 2.81 -9.62 28.10
CA GLU B 277 2.19 -9.99 29.38
C GLU B 277 0.89 -9.22 29.72
N ASN B 278 0.45 -8.31 28.86
CA ASN B 278 -0.83 -7.61 29.06
C ASN B 278 -1.76 -7.63 27.86
N PRO B 279 -2.15 -8.85 27.42
CA PRO B 279 -3.00 -8.97 26.21
C PRO B 279 -4.30 -8.16 26.31
N GLU B 280 -4.82 -8.06 27.54
CA GLU B 280 -5.92 -7.17 27.82
C GLU B 280 -5.72 -5.74 27.28
N ARG B 281 -4.51 -5.20 27.32
CA ARG B 281 -4.28 -3.80 26.83
C ARG B 281 -3.64 -3.65 25.48
N ALA B 282 -3.15 -4.75 24.93
CA ALA B 282 -2.40 -4.74 23.70
C ALA B 282 -3.19 -5.30 22.54
N ASN B 283 -4.11 -6.23 22.82
CA ASN B 283 -4.97 -6.76 21.78
C ASN B 283 -5.76 -5.61 21.24
N GLY B 284 -5.93 -5.57 19.94
CA GLY B 284 -6.58 -4.46 19.31
C GLY B 284 -5.54 -3.54 18.73
N HIS B 285 -4.62 -3.02 19.55
CA HIS B 285 -3.84 -1.80 19.22
C HIS B 285 -2.59 -1.91 18.31
N ILE B 286 -2.20 -0.74 17.78
CA ILE B 286 -0.96 -0.54 17.06
C ILE B 286 -0.13 0.42 17.90
N PHE B 287 1.17 0.15 18.00
CA PHE B 287 2.08 0.81 18.95
C PHE B 287 3.38 1.33 18.32
N ASN B 288 3.62 2.62 18.48
CA ASN B 288 4.90 3.22 18.18
C ASN B 288 5.88 2.89 19.29
N VAL B 289 6.94 2.21 18.94
CA VAL B 289 8.00 2.06 19.89
C VAL B 289 9.21 2.82 19.38
N GLY B 290 9.43 3.98 19.98
CA GLY B 290 10.58 4.81 19.66
C GLY B 290 10.82 5.78 20.79
N ASN B 291 11.90 6.53 20.70
CA ASN B 291 12.27 7.45 21.76
C ASN B 291 12.35 8.83 21.16
N PRO B 292 11.32 9.63 21.39
CA PRO B 292 11.25 10.92 20.73
C PRO B 292 12.28 11.88 21.19
N ASN B 293 12.94 11.60 22.30
CA ASN B 293 13.92 12.55 22.79
C ASN B 293 15.29 12.45 22.14
N ASN B 294 15.58 11.26 21.60
CA ASN B 294 16.83 10.99 20.91
C ASN B 294 16.70 11.30 19.41
N GLU B 295 16.30 12.53 19.06
CA GLU B 295 16.28 12.94 17.68
C GLU B 295 17.62 13.51 17.27
N VAL B 296 18.07 13.16 16.07
CA VAL B 296 19.19 13.81 15.42
C VAL B 296 19.02 13.69 13.91
N THR B 297 19.71 14.56 13.18
CA THR B 297 19.98 14.35 11.77
C THR B 297 20.98 13.26 11.63
N VAL B 298 21.16 12.81 10.41
CA VAL B 298 22.11 11.77 10.17
C VAL B 298 23.52 12.34 10.32
N ARG B 299 23.79 13.55 9.81
CA ARG B 299 25.07 14.24 10.09
C ARG B 299 25.43 14.20 11.55
N GLN B 300 24.45 14.46 12.38
CA GLN B 300 24.65 14.51 13.82
C GLN B 300 24.92 13.16 14.44
N LEU B 301 24.13 12.16 14.07
CA LEU B 301 24.43 10.80 14.45
C LEU B 301 25.88 10.50 14.14
N ALA B 302 26.34 10.89 12.96
CA ALA B 302 27.73 10.65 12.54
C ALA B 302 28.73 11.34 13.44
N GLU B 303 28.54 12.63 13.65
CA GLU B 303 29.42 13.38 14.55
C GLU B 303 29.41 12.74 15.93
N MET B 304 28.23 12.55 16.50
CA MET B 304 28.10 11.99 17.83
C MET B 304 28.79 10.63 17.95
N MET B 305 28.72 9.84 16.90
CA MET B 305 29.31 8.51 16.93
C MET B 305 30.79 8.60 16.86
N THR B 306 31.34 9.51 16.06
CA THR B 306 32.80 9.65 16.02
C THR B 306 33.33 10.12 17.39
N GLU B 307 32.59 10.99 18.07
CA GLU B 307 33.00 11.50 19.38
C GLU B 307 33.05 10.37 20.37
N VAL B 308 31.91 9.71 20.53
CA VAL B 308 31.82 8.54 21.40
C VAL B 308 32.87 7.50 21.04
N TYR B 309 33.09 7.25 19.76
CA TYR B 309 34.00 6.21 19.33
C TYR B 309 35.39 6.54 19.80
N ALA B 310 35.83 7.76 19.51
CA ALA B 310 37.09 8.24 20.03
C ALA B 310 37.24 7.98 21.54
N LYS B 311 36.18 8.26 22.30
CA LYS B 311 36.18 7.95 23.74
C LYS B 311 36.40 6.45 23.92
N VAL B 312 35.50 5.63 23.41
CA VAL B 312 35.57 4.18 23.57
C VAL B 312 36.89 3.56 23.06
N SER B 313 37.40 4.04 21.94
CA SER B 313 38.52 3.39 21.25
C SER B 313 39.87 3.73 21.86
N GLY B 314 40.02 4.97 22.31
CA GLY B 314 41.32 5.49 22.64
C GLY B 314 41.66 6.46 21.53
N GLU B 315 41.79 5.96 20.30
CA GLU B 315 42.25 6.78 19.17
C GLU B 315 41.32 8.02 18.97
N GLY B 316 41.88 9.13 18.47
CA GLY B 316 41.10 10.35 18.22
C GLY B 316 40.46 10.29 16.84
N ALA B 317 39.70 11.32 16.45
CA ALA B 317 39.01 11.34 15.14
C ALA B 317 39.96 11.55 13.94
N ILE B 318 39.45 11.79 12.76
CA ILE B 318 40.31 11.96 11.56
C ILE B 318 40.20 13.41 11.04
N GLU B 319 40.96 13.78 10.00
CA GLU B 319 40.93 15.17 9.48
C GLU B 319 39.48 15.57 9.10
N SER B 320 38.88 14.94 8.07
CA SER B 320 37.43 15.10 7.75
C SER B 320 36.73 13.78 8.07
N PRO B 321 35.95 13.73 9.17
CA PRO B 321 35.42 12.42 9.62
C PRO B 321 34.15 11.98 8.91
N THR B 322 33.58 12.85 8.09
CA THR B 322 32.45 12.46 7.26
C THR B 322 32.65 13.00 5.88
N VAL B 323 31.82 12.48 5.01
CA VAL B 323 31.77 12.95 3.64
C VAL B 323 30.42 12.63 3.00
N ASP B 324 29.97 13.56 2.16
CA ASP B 324 28.70 13.41 1.47
C ASP B 324 28.82 12.49 0.30
N VAL B 325 27.73 11.81 -0.04
CA VAL B 325 27.69 10.98 -1.22
C VAL B 325 26.26 10.96 -1.71
N SER B 326 26.07 10.92 -3.03
CA SER B 326 24.72 10.96 -3.61
C SER B 326 24.07 9.60 -3.41
N SER B 327 22.75 9.61 -3.30
CA SER B 327 21.97 8.38 -3.21
C SER B 327 21.93 7.60 -4.52
N LYS B 328 22.10 8.28 -5.68
CA LYS B 328 22.40 7.53 -6.92
C LYS B 328 23.65 6.67 -6.59
N GLU B 329 24.78 7.28 -6.18
CA GLU B 329 26.05 6.53 -5.84
C GLU B 329 25.83 5.47 -4.78
N PHE B 330 25.13 5.83 -3.71
CA PHE B 330 24.98 4.95 -2.54
C PHE B 330 23.94 3.86 -2.71
N TYR B 331 22.66 4.24 -2.84
CA TYR B 331 21.51 3.33 -2.68
C TYR B 331 21.05 2.76 -4.02
N GLY B 332 21.36 3.50 -5.11
CA GLY B 332 20.88 3.19 -6.43
C GLY B 332 19.71 4.05 -6.90
N GLU B 333 18.90 3.45 -7.78
CA GLU B 333 18.09 4.17 -8.78
C GLU B 333 16.82 4.78 -8.18
N GLY B 334 15.98 3.96 -7.54
CA GLY B 334 14.69 4.43 -7.04
C GLY B 334 14.62 4.78 -5.56
N TYR B 335 15.71 5.31 -5.01
CA TYR B 335 15.74 5.65 -3.57
C TYR B 335 14.85 6.85 -3.32
N ASP B 336 14.25 6.90 -2.14
CA ASP B 336 13.53 8.08 -1.61
C ASP B 336 13.75 8.00 -0.09
N ASP B 337 13.27 8.92 0.72
CA ASP B 337 13.53 8.79 2.14
C ASP B 337 12.51 9.43 3.03
N SER B 338 12.17 8.78 4.16
CA SER B 338 11.45 9.48 5.22
C SER B 338 12.38 10.55 5.76
N ASP B 339 11.80 11.67 6.12
CA ASP B 339 12.57 12.85 6.41
C ASP B 339 12.64 13.09 7.91
N LYS B 340 11.58 12.74 8.67
CA LYS B 340 11.51 13.05 10.09
C LYS B 340 10.56 12.13 10.82
N ARG B 341 11.13 11.14 11.48
CA ARG B 341 10.35 10.26 12.33
C ARG B 341 10.43 10.84 13.72
N ILE B 342 9.27 11.21 14.24
CA ILE B 342 9.04 11.49 15.66
C ILE B 342 7.78 10.75 16.15
N PRO B 343 7.97 9.73 16.98
CA PRO B 343 6.83 8.90 17.40
C PRO B 343 5.97 9.60 18.42
N ASP B 344 4.66 9.41 18.30
CA ASP B 344 3.75 10.01 19.24
C ASP B 344 3.76 9.46 20.64
N MET B 345 3.40 8.20 20.91
CA MET B 345 3.47 7.69 22.28
C MET B 345 2.33 7.85 23.30
N THR B 346 1.39 8.76 23.09
CA THR B 346 0.15 8.77 23.85
C THR B 346 -0.45 7.38 24.03
N ILE B 347 -0.53 6.61 22.95
CA ILE B 347 -1.25 5.33 22.95
C ILE B 347 -0.42 4.34 23.74
N ILE B 348 0.86 4.14 23.38
CA ILE B 348 1.66 3.15 24.13
C ILE B 348 1.85 3.53 25.59
N ASN B 349 2.04 4.83 25.79
CA ASN B 349 2.30 5.40 27.14
C ASN B 349 1.06 5.24 28.02
N ARG B 350 -0.13 5.25 27.42
CA ARG B 350 -1.38 5.18 28.21
C ARG B 350 -1.88 3.74 28.33
N GLN B 351 -1.34 2.82 27.55
CA GLN B 351 -1.85 1.42 27.61
C GLN B 351 -0.89 0.56 28.42
N LEU B 352 0.40 0.76 28.22
CA LEU B 352 1.44 -0.04 28.89
C LEU B 352 2.36 0.75 29.84
N GLY B 353 2.19 2.06 29.88
CA GLY B 353 2.98 2.93 30.73
C GLY B 353 4.45 2.98 30.38
N TRP B 354 4.79 2.69 29.14
CA TRP B 354 6.18 2.57 28.72
C TRP B 354 6.84 3.93 28.45
N ASN B 355 8.12 4.03 28.76
CA ASN B 355 8.95 5.17 28.33
C ASN B 355 10.37 4.78 28.20
N PRO B 356 11.05 5.27 27.17
CA PRO B 356 12.46 4.93 27.03
C PRO B 356 13.30 5.68 28.05
N LYS B 357 13.97 4.94 28.92
CA LYS B 357 14.90 5.52 29.88
C LYS B 357 16.14 6.09 29.17
N THR B 358 16.65 5.44 28.11
CA THR B 358 18.05 5.63 27.69
C THR B 358 18.35 6.68 26.63
N SER B 359 19.38 7.48 26.95
CA SER B 359 19.89 8.54 26.08
C SER B 359 20.54 8.02 24.83
N LEU B 360 20.65 8.88 23.83
CA LEU B 360 21.32 8.55 22.59
C LEU B 360 22.81 8.36 22.86
N TRP B 361 23.41 9.38 23.47
CA TRP B 361 24.82 9.30 23.82
C TRP B 361 25.08 8.04 24.66
N ASP B 362 24.31 7.84 25.73
CA ASP B 362 24.47 6.67 26.56
C ASP B 362 24.39 5.40 25.72
N LEU B 363 23.35 5.26 24.90
CA LEU B 363 23.15 4.03 24.11
C LEU B 363 24.25 3.80 23.10
N LEU B 364 24.82 4.88 22.57
CA LEU B 364 25.92 4.77 21.62
C LEU B 364 27.23 4.37 22.27
N GLU B 365 27.51 4.95 23.45
CA GLU B 365 28.62 4.50 24.31
C GLU B 365 28.53 2.99 24.47
N SER B 366 27.39 2.52 24.97
CA SER B 366 27.15 1.09 25.16
C SER B 366 27.34 0.31 23.89
N THR B 367 26.70 0.74 22.83
CA THR B 367 26.68 -0.03 21.60
C THR B 367 28.08 -0.01 20.98
N LEU B 368 28.73 1.14 20.91
CA LEU B 368 30.07 1.19 20.32
C LEU B 368 31.11 0.42 21.13
N THR B 369 31.01 0.40 22.47
CA THR B 369 31.88 -0.51 23.27
C THR B 369 31.65 -1.97 22.82
N TYR B 370 30.42 -2.46 22.79
CA TYR B 370 30.16 -3.80 22.22
C TYR B 370 30.79 -3.99 20.82
N GLN B 371 30.69 -2.97 19.99
CA GLN B 371 31.19 -3.05 18.61
C GLN B 371 32.71 -3.14 18.60
N HIS B 372 33.35 -2.34 19.43
CA HIS B 372 34.81 -2.32 19.50
C HIS B 372 35.30 -3.63 20.07
N ARG B 373 34.81 -4.03 21.24
CA ARG B 373 35.08 -5.35 21.84
C ARG B 373 35.00 -6.49 20.85
N THR B 374 33.98 -6.47 20.01
CA THR B 374 33.69 -7.59 19.15
C THR B 374 34.52 -7.52 17.88
N TYR B 375 34.42 -6.43 17.16
CA TYR B 375 34.89 -6.40 15.79
C TYR B 375 36.31 -5.91 15.58
N ALA B 376 36.91 -5.27 16.57
CA ALA B 376 38.16 -4.52 16.35
C ALA B 376 39.37 -5.40 16.03
N GLU B 377 39.55 -6.54 16.71
CA GLU B 377 40.74 -7.37 16.39
C GLU B 377 40.49 -8.07 15.07
N ALA B 378 39.26 -8.58 14.87
CA ALA B 378 38.83 -9.16 13.59
C ALA B 378 39.10 -8.27 12.36
N VAL B 379 38.79 -6.98 12.45
CA VAL B 379 39.07 -6.03 11.36
C VAL B 379 40.56 -5.61 11.26
N LYS B 380 41.32 -5.88 12.31
CA LYS B 380 42.78 -5.63 12.26
C LYS B 380 43.39 -6.81 11.51
N LYS B 381 42.91 -8.01 11.81
CA LYS B 381 43.39 -9.24 11.14
C LYS B 381 43.11 -9.13 9.64
N ALA B 382 41.84 -8.95 9.28
CA ALA B 382 41.42 -8.85 7.86
C ALA B 382 42.02 -7.63 7.17
N THR B 383 42.26 -6.54 7.89
CA THR B 383 43.02 -5.39 7.30
C THR B 383 44.33 -5.89 6.67
N SER B 384 45.12 -6.71 7.38
CA SER B 384 46.41 -7.23 6.85
C SER B 384 46.22 -8.66 6.36
PA NAD C . -16.60 -3.87 -13.05
O1A NAD C . -16.89 -4.53 -11.72
O2A NAD C . -17.75 -3.57 -13.99
O5B NAD C . -15.60 -4.82 -13.85
C5B NAD C . -14.96 -5.89 -13.13
C4B NAD C . -15.36 -7.20 -13.75
O4B NAD C . -14.36 -8.09 -13.30
C3B NAD C . -16.71 -7.76 -13.31
O3B NAD C . -17.47 -8.10 -14.47
C2B NAD C . -16.37 -8.95 -12.45
O2B NAD C . -17.16 -10.14 -12.60
C1B NAD C . -14.98 -9.28 -12.92
N9A NAD C . -14.29 -10.04 -11.85
C8A NAD C . -14.03 -9.70 -10.56
N7A NAD C . -13.44 -10.73 -9.95
C5A NAD C . -13.36 -11.73 -10.85
C6A NAD C . -12.85 -13.11 -10.93
N6A NAD C . -12.30 -13.70 -9.86
N1A NAD C . -12.94 -13.78 -12.09
C2A NAD C . -13.49 -13.25 -13.21
N3A NAD C . -13.98 -12.01 -13.20
C4A NAD C . -13.92 -11.25 -12.09
O3 NAD C . -15.76 -2.55 -12.68
PN NAD C . -15.07 -1.66 -13.80
O1N NAD C . -15.56 -0.24 -13.69
O2N NAD C . -15.13 -2.44 -15.14
O5D NAD C . -13.58 -1.65 -13.18
C5D NAD C . -12.49 -2.21 -13.93
C4D NAD C . -11.15 -1.77 -13.35
O4D NAD C . -11.02 -0.35 -13.36
C3D NAD C . -11.01 -2.21 -11.90
O3D NAD C . -9.71 -2.82 -11.72
C2D NAD C . -11.15 -0.94 -11.09
O2D NAD C . -10.34 -1.06 -9.91
C1D NAD C . -10.72 0.16 -12.04
N1N NAD C . -11.33 1.50 -11.83
C2N NAD C . -12.51 1.88 -12.39
C3N NAD C . -13.07 3.16 -12.19
C7N NAD C . -14.38 3.60 -12.81
O7N NAD C . -14.72 4.76 -12.73
N7N NAD C . -15.19 2.78 -13.46
C4N NAD C . -12.36 4.08 -11.39
C5N NAD C . -11.15 3.68 -10.83
C6N NAD C . -10.66 2.39 -11.07
N1 UDP D . -21.22 9.71 -2.63
C2 UDP D . -22.41 10.29 -2.11
N3 UDP D . -23.62 9.72 -2.23
C4 UDP D . -23.77 8.57 -2.87
C5 UDP D . -22.65 7.97 -3.42
C6 UDP D . -21.38 8.55 -3.29
O2 UDP D . -22.38 11.36 -1.48
O4 UDP D . -24.91 8.07 -2.99
C1' UDP D . -19.87 10.36 -2.50
C2' UDP D . -18.68 9.53 -1.98
O2' UDP D . -18.51 9.62 -0.58
C3' UDP D . -17.48 10.17 -2.69
C4' UDP D . -18.04 10.63 -4.04
O4' UDP D . -19.44 10.85 -3.79
O3' UDP D . -16.95 11.31 -2.01
C5' UDP D . -17.84 9.62 -5.16
O5' UDP D . -17.83 8.31 -4.59
PA UDP D . -17.89 6.96 -5.42
O1A UDP D . -18.57 5.95 -4.51
O2A UDP D . -18.42 7.22 -6.83
O3A UDP D . -16.30 6.58 -5.51
PB UDP D . -14.93 7.39 -5.17
O1B UDP D . -13.85 6.37 -5.43
O2B UDP D . -14.77 8.55 -6.12
O3B UDP D . -15.13 7.74 -3.70
P PO4 E . -12.66 3.56 -7.64
O1 PO4 E . -11.54 2.61 -7.98
O2 PO4 E . -12.95 3.70 -6.15
O3 PO4 E . -13.86 2.99 -8.37
O4 PO4 E . -12.21 4.89 -8.21
PA NAD F . 16.41 -9.15 11.23
O1A NAD F . 16.66 -9.50 9.78
O2A NAD F . 17.54 -8.92 12.19
O5B NAD F . 15.52 -10.31 11.82
C5B NAD F . 14.55 -10.87 10.96
C4B NAD F . 14.81 -12.35 11.07
O4B NAD F . 13.79 -13.01 10.33
C3B NAD F . 16.15 -12.75 10.50
O3B NAD F . 16.83 -13.55 11.46
C2B NAD F . 15.73 -13.49 9.27
O2B NAD F . 16.57 -14.57 8.88
C1B NAD F . 14.38 -14.06 9.65
N9A NAD F . 13.69 -14.52 8.44
C8A NAD F . 13.53 -13.87 7.29
N7A NAD F . 12.89 -14.67 6.39
C5A NAD F . 12.65 -15.83 6.98
C6A NAD F . 11.99 -17.09 6.61
N6A NAD F . 11.46 -17.28 5.40
N1A NAD F . 11.92 -18.06 7.54
C2A NAD F . 12.46 -17.90 8.76
N3A NAD F . 13.07 -16.77 9.16
C4A NAD F . 13.19 -15.72 8.33
O3 NAD F . 15.44 -7.85 11.39
PN NAD F . 15.14 -7.17 12.83
O1N NAD F . 15.96 -5.90 12.95
O2N NAD F . 15.10 -8.30 13.89
O5D NAD F . 13.66 -6.62 12.57
C5D NAD F . 12.60 -7.52 12.82
C4D NAD F . 11.24 -6.92 12.46
O4D NAD F . 11.10 -5.58 12.97
C3D NAD F . 11.04 -6.86 10.98
O3D NAD F . 9.67 -7.24 10.74
C2D NAD F . 11.31 -5.43 10.66
O2D NAD F . 10.52 -5.07 9.55
C1D NAD F . 10.89 -4.65 11.89
N1N NAD F . 11.58 -3.34 12.07
C2N NAD F . 12.77 -3.28 12.67
C3N NAD F . 13.42 -2.08 12.84
C7N NAD F . 14.74 -2.07 13.53
O7N NAD F . 15.04 -1.06 14.14
N7N NAD F . 15.54 -3.14 13.49
C4N NAD F . 12.85 -0.88 12.39
C5N NAD F . 11.61 -0.95 11.78
C6N NAD F . 11.00 -2.20 11.64
N1 UDP G . 22.44 6.60 5.71
C2 UDP G . 23.64 7.29 5.40
N3 UDP G . 24.82 6.63 5.29
C4 UDP G . 24.93 5.29 5.51
C5 UDP G . 23.75 4.60 5.83
C6 UDP G . 22.52 5.27 5.94
O2 UDP G . 23.62 8.52 5.18
O4 UDP G . 26.06 4.71 5.44
C1' UDP G . 21.16 7.31 5.82
C2' UDP G . 19.96 6.76 5.01
O2' UDP G . 19.81 7.29 3.69
C3' UDP G . 18.81 7.22 5.87
C4' UDP G . 19.35 7.07 7.26
O4' UDP G . 20.77 7.19 7.18
O3' UDP G . 18.58 8.62 5.67
C5' UDP G . 18.96 5.76 7.89
O5' UDP G . 18.92 4.73 6.95
PA UDP G . 18.78 3.20 7.45
O1A UDP G . 19.50 3.05 8.76
O2A UDP G . 19.23 2.30 6.28
O3A UDP G . 17.21 3.00 7.82
PB UDP G . 15.89 3.89 7.40
O1B UDP G . 15.61 4.93 8.47
O2B UDP G . 16.33 4.43 6.02
O3B UDP G . 14.76 2.85 7.46
P PO4 H . 13.28 -0.01 8.54
O1 PO4 H . 14.37 -0.90 9.05
O2 PO4 H . 11.96 -0.73 8.69
O3 PO4 H . 13.46 0.33 7.10
O4 PO4 H . 13.26 1.27 9.37
#